data_6KPG
#
_entry.id   6KPG
#
_cell.length_a   1.00
_cell.length_b   1.00
_cell.length_c   1.00
_cell.angle_alpha   90.00
_cell.angle_beta   90.00
_cell.angle_gamma   90.00
#
_symmetry.space_group_name_H-M   'P 1'
#
loop_
_entity.id
_entity.type
_entity.pdbx_description
1 polymer 'Guanine nucleotide-binding protein G(i) subunit alpha-1'
2 polymer 'Guanine nucleotide-binding protein G(I)/G(S)/G(T) subunit beta-1'
3 polymer 'Guanine nucleotide-binding protein G(I)/G(S)/G(O) subunit gamma-2'
4 polymer 'Cannabinoid receptor 1'
5 polymer scFv16
6 non-polymer (6~{a}~{R},9~{R},10~{a}~{R})-9-(hydroxymethyl)-3-(8-isothiocyanato-2-methyl-octan-2-yl)-6,6-dimethyl-6~{a},7,8,9,10,10~{a}-hexahydrobenzo[c]chromen-1-ol
#
loop_
_entity_poly.entity_id
_entity_poly.type
_entity_poly.pdbx_seq_one_letter_code
_entity_poly.pdbx_strand_id
1 'polypeptide(L)'
;GCTLSAEDKAAVERSKMIDRNLREDGEKAAREVKLLLLGAGESGKSTIVKQMKIIHEAGYSEEECKQYKAVVYSNTIQSI
IAIIRAMGRLKIDFGDSARADDARQLFVLAGAAEEGFMTAELAGVIKRLWKDSGVQACFNRSREYQLNDSAAYYLNDLDR
IAQPNYIPTQQDVLRTRVKTTGIVETHFTFKDLHFKMFDVGGQRSERKKWIHCFEGVTAIIFCVALSDYDLVLAEDEEMN
RMHESMKLFDSICNNKWFTDTSIILFLNKKDLFEEKIKKSPLTICYPEYAGSNTYEEAAAYIQCQFEDLNKRKDTKEIYT
HFTCATDTKNVQFVFDAVTDVIIKNNLKDCGLF
;
A
2 'polypeptide(L)'
;IGRARGFSELDQLRQEAEQLKNQIRDARKACADATLSQITNNIDPVGRIQMRTRRTLRGHLAKIYAMHWGTDSRLLVSAS
QDGKLIIWDSYTTNKVHAIPLRSSWVMTCAYAPSGNYVACGGLDNICSIYNLKTREGNVRVSRELAGHTGYLSCCRFLDD
NQIVTSSGDTTCALWDIETGQQTTTFTGHTGDVMSLSLAPDTRLFVSGACDASAKLWDVREGMCRQTFTGHESDINAICF
FPNGNAFATGSDDATCRLFDLRADQELMTYSHDNIICGITSVSFSKSGRLLLAGYDDFNCNVWDALKADRAGVLAGHDNR
VSCLGVTDDGMAVATGSWDSFLKIWN
;
B
3 'polypeptide(L)' MASNNTASIAQARKLVEQLKMEANIDRIKVSKAAADLMAYCEAHAKEDPLLTPVPASENPFREKKFFCAIL C
4 'polypeptide(L)'
;ADLEDNWETLNDNLKVIEKADNAAQVKDALTKMRAAALDAQKATPPKLEDKSPDSPEMKDFRHGFDILVGQIDDALKLAN
EGKVKEAQAAAEQLKTTRNAYIQKYLLEVLFQGPVPADQVNITEFYNKSLSSFKENEENIQCGENFMDIECFMVLNPSQQ
LAIAVLSLTLGTFTVLENLLVLCVILHSRSLRCRPSYHFIGSLAVADLLGSVIFVYSFIDFHVFHRKDSRNVFLFKLGGV
TASFTASVGSLFLTAIDRYISIHRPLAYKRIVTRPKAVVAFCLMWTIAIVIAVLPLLGWNCEKLQSVCSDIFPHIDKTYL
MFWIGVVSVLLLFIVYAYMYILWKAHSHAVRMIQRGTQKSIIIHTSEDGKVQVTRPDQARMDIELAKTLVLILVVLIICW
GPLLAIMVYDVFGKMNKLIKTVFAFCSMLCLLNSTVNPIIYALRSKDLRHAFRSMFPSCEGTAQPLDNS
;
R
5 'polypeptide(L)'
;DVQLVESGGGLVQPGGSRKLSCSASGFAFSSFGMHWVRQAPEKGLEWVAYISSGSGTIYYADTVKGRFTISRDDPKNTLF
LQMTSLRSEDTAMYYCVRSIYYYGSSPFDFWGQGTTLTVSSGGGGSGGGGSGGGGSDIVMTQATSSVPVTPGESVSISCR
SSKSLLHSNGNTYLYWFLQRPGQSPQLLIYRMSNLASGVPDRFSGSGSGTAFTLTISRLSAEDVGVYYCMQHLEYPLTFG
AGTKLELKAAAHHHHHHHH
;
S
#
# COMPACT_ATOMS: atom_id res chain seq x y z
N CYS A 2 -5.37 -27.43 5.08
CA CYS A 2 -4.48 -26.28 5.20
C CYS A 2 -4.40 -25.84 6.65
N THR A 3 -4.71 -26.77 7.56
CA THR A 3 -4.95 -26.63 9.01
C THR A 3 -5.73 -25.38 9.42
N LEU A 4 -6.69 -24.98 8.59
CA LEU A 4 -7.59 -23.87 8.89
C LEU A 4 -8.95 -24.41 9.26
N SER A 5 -9.62 -23.73 10.17
CA SER A 5 -10.93 -24.17 10.63
C SER A 5 -11.99 -23.77 9.61
N ALA A 6 -13.26 -24.01 9.94
CA ALA A 6 -14.32 -23.60 9.01
C ALA A 6 -14.50 -22.10 9.01
N GLU A 7 -14.18 -21.44 10.11
CA GLU A 7 -14.25 -19.99 10.16
C GLU A 7 -12.94 -19.34 9.76
N ASP A 8 -11.82 -20.00 10.02
CA ASP A 8 -10.54 -19.47 9.55
C ASP A 8 -10.43 -19.59 8.04
N LYS A 9 -11.11 -20.56 7.43
CA LYS A 9 -11.16 -20.61 5.98
C LYS A 9 -12.04 -19.49 5.46
N ALA A 10 -13.15 -19.21 6.13
CA ALA A 10 -14.09 -18.20 5.68
C ALA A 10 -13.66 -16.80 6.06
N ALA A 11 -12.63 -16.67 6.90
CA ALA A 11 -12.03 -15.38 7.14
C ALA A 11 -11.09 -15.00 6.00
N VAL A 12 -10.36 -15.97 5.45
CA VAL A 12 -9.48 -15.73 4.31
C VAL A 12 -10.28 -15.46 3.06
N GLU A 13 -11.47 -16.05 2.95
CA GLU A 13 -12.33 -15.71 1.83
C GLU A 13 -12.87 -14.29 1.95
N ARG A 14 -12.94 -13.74 3.15
CA ARG A 14 -13.27 -12.34 3.30
C ARG A 14 -12.08 -11.46 2.96
N SER A 15 -10.89 -11.89 3.37
CA SER A 15 -9.67 -11.17 3.02
C SER A 15 -9.38 -11.20 1.53
N LYS A 16 -9.77 -12.26 0.85
CA LYS A 16 -9.52 -12.32 -0.58
C LYS A 16 -10.57 -11.55 -1.35
N MET A 17 -11.76 -11.39 -0.80
CA MET A 17 -12.78 -10.59 -1.45
C MET A 17 -12.73 -9.14 -0.99
N ILE A 18 -11.83 -8.83 -0.06
CA ILE A 18 -11.49 -7.44 0.21
C ILE A 18 -10.36 -7.00 -0.69
N ASP A 19 -9.34 -7.86 -0.84
CA ASP A 19 -8.25 -7.66 -1.81
C ASP A 19 -8.78 -7.46 -3.23
N ARG A 20 -9.81 -8.20 -3.59
CA ARG A 20 -10.42 -8.03 -4.90
C ARG A 20 -11.23 -6.76 -5.01
N ASN A 21 -11.48 -6.04 -3.92
CA ASN A 21 -12.15 -4.76 -4.00
C ASN A 21 -11.22 -3.59 -3.79
N LEU A 22 -10.01 -3.82 -3.28
CA LEU A 22 -8.99 -2.79 -3.31
C LEU A 22 -8.34 -2.69 -4.68
N ARG A 23 -8.01 -3.83 -5.29
CA ARG A 23 -7.42 -3.82 -6.62
C ARG A 23 -8.40 -3.36 -7.67
N GLU A 24 -9.69 -3.59 -7.46
CA GLU A 24 -10.67 -3.06 -8.39
C GLU A 24 -10.97 -1.60 -8.14
N ASP A 25 -10.54 -1.04 -7.02
CA ASP A 25 -10.64 0.39 -6.78
C ASP A 25 -9.29 1.08 -6.89
N GLY A 26 -8.22 0.32 -6.97
CA GLY A 26 -6.92 0.82 -7.38
C GLY A 26 -6.73 0.84 -8.87
N GLU A 27 -7.77 0.50 -9.63
CA GLU A 27 -7.82 0.70 -11.07
C GLU A 27 -8.81 1.76 -11.49
N LYS A 28 -9.80 2.06 -10.65
CA LYS A 28 -10.58 3.27 -10.83
C LYS A 28 -9.79 4.50 -10.40
N ALA A 29 -8.77 4.32 -9.58
CA ALA A 29 -7.93 5.43 -9.18
C ALA A 29 -6.72 5.60 -10.08
N ALA A 30 -6.35 4.58 -10.83
CA ALA A 30 -5.24 4.70 -11.76
C ALA A 30 -5.67 5.27 -13.10
N ARG A 31 -6.96 5.22 -13.41
CA ARG A 31 -7.46 5.80 -14.64
C ARG A 31 -7.58 7.31 -14.56
N GLU A 32 -7.50 7.88 -13.36
CA GLU A 32 -7.68 9.31 -13.19
C GLU A 32 -6.34 10.01 -13.13
N VAL A 33 -6.33 11.28 -13.50
CA VAL A 33 -5.14 12.10 -13.54
C VAL A 33 -5.25 13.11 -12.42
N LYS A 34 -4.28 13.10 -11.52
CA LYS A 34 -4.33 13.94 -10.32
C LYS A 34 -3.43 15.14 -10.53
N LEU A 35 -4.01 16.29 -10.76
CA LEU A 35 -3.24 17.51 -10.89
C LEU A 35 -3.00 18.09 -9.51
N LEU A 36 -2.53 19.33 -9.42
CA LEU A 36 -2.34 20.00 -8.15
C LEU A 36 -2.35 21.48 -8.46
N LEU A 37 -3.40 22.17 -8.06
CA LEU A 37 -3.51 23.59 -8.37
C LEU A 37 -2.82 24.37 -7.27
N LEU A 38 -1.56 24.70 -7.48
CA LEU A 38 -0.85 25.56 -6.56
C LEU A 38 -1.05 27.01 -6.99
N GLY A 39 -0.23 27.91 -6.48
CA GLY A 39 -0.38 29.30 -6.82
C GLY A 39 -0.33 30.12 -5.56
N ALA A 40 -0.01 31.39 -5.66
CA ALA A 40 -0.02 32.23 -4.48
C ALA A 40 -1.43 32.75 -4.26
N GLY A 41 -1.63 33.60 -3.26
CA GLY A 41 -2.92 34.24 -3.10
C GLY A 41 -3.12 35.30 -4.17
N GLU A 42 -4.40 35.62 -4.41
CA GLU A 42 -4.84 36.69 -5.31
C GLU A 42 -4.39 36.45 -6.75
N SER A 43 -4.36 35.18 -7.16
CA SER A 43 -3.82 34.84 -8.49
C SER A 43 -4.91 34.58 -9.51
N GLY A 44 -5.97 33.89 -9.13
CA GLY A 44 -6.97 33.52 -10.10
C GLY A 44 -7.09 32.02 -10.24
N LYS A 45 -6.83 31.28 -9.16
CA LYS A 45 -7.09 29.85 -9.16
C LYS A 45 -8.59 29.58 -9.25
N SER A 46 -9.40 30.48 -8.70
CA SER A 46 -10.84 30.37 -8.84
C SER A 46 -11.32 30.73 -10.24
N THR A 47 -10.49 31.42 -11.03
CA THR A 47 -10.83 31.61 -12.44
C THR A 47 -10.68 30.31 -13.20
N ILE A 48 -9.78 29.44 -12.76
CA ILE A 48 -9.47 28.23 -13.52
C ILE A 48 -10.38 27.07 -13.13
N VAL A 49 -10.68 26.89 -11.84
CA VAL A 49 -11.63 25.85 -11.46
C VAL A 49 -13.06 26.24 -11.76
N LYS A 50 -13.32 27.48 -12.18
CA LYS A 50 -14.59 27.81 -12.80
C LYS A 50 -14.57 27.61 -14.30
N GLN A 51 -13.38 27.55 -14.90
CA GLN A 51 -13.25 27.26 -16.33
C GLN A 51 -13.35 25.78 -16.63
N MET A 52 -13.37 24.93 -15.61
CA MET A 52 -13.39 23.49 -15.81
C MET A 52 -14.64 22.84 -15.24
N LYS A 53 -14.86 22.96 -13.92
CA LYS A 53 -16.06 22.42 -13.26
C LYS A 53 -16.20 23.08 -11.89
N THR A 181 -12.73 24.02 4.63
CA THR A 181 -11.90 22.86 4.88
C THR A 181 -10.46 23.12 4.47
N GLY A 182 -9.75 22.05 4.17
CA GLY A 182 -8.38 22.09 3.73
C GLY A 182 -8.29 21.90 2.24
N ILE A 183 -8.05 20.69 1.82
CA ILE A 183 -7.98 20.36 0.41
C ILE A 183 -9.38 20.31 -0.19
N VAL A 184 -9.48 20.61 -1.49
CA VAL A 184 -10.73 20.52 -2.23
C VAL A 184 -10.55 19.85 -3.59
N GLU A 185 -10.85 18.55 -3.65
CA GLU A 185 -10.69 17.81 -4.89
C GLU A 185 -11.79 18.18 -5.87
N THR A 186 -11.40 18.56 -7.08
CA THR A 186 -12.30 18.96 -8.14
C THR A 186 -12.18 17.96 -9.28
N HIS A 187 -13.27 17.29 -9.61
CA HIS A 187 -13.27 16.30 -10.68
C HIS A 187 -13.87 16.91 -11.93
N PHE A 188 -13.23 16.65 -13.07
CA PHE A 188 -13.79 17.05 -14.35
C PHE A 188 -13.19 16.18 -15.43
N THR A 189 -14.01 15.81 -16.41
CA THR A 189 -13.59 14.95 -17.51
C THR A 189 -13.38 15.77 -18.77
N PHE A 190 -12.45 15.29 -19.60
CA PHE A 190 -12.22 15.90 -20.90
C PHE A 190 -11.65 14.83 -21.82
N LYS A 191 -12.37 14.56 -22.91
CA LYS A 191 -11.99 13.58 -23.93
C LYS A 191 -11.72 12.20 -23.31
N ASP A 192 -12.69 11.75 -22.51
CA ASP A 192 -12.67 10.47 -21.80
C ASP A 192 -11.45 10.34 -20.89
N LEU A 193 -11.01 11.46 -20.32
CA LEU A 193 -9.93 11.47 -19.35
C LEU A 193 -10.43 12.17 -18.10
N HIS A 194 -10.38 11.48 -16.97
CA HIS A 194 -10.92 12.00 -15.72
C HIS A 194 -9.82 12.69 -14.94
N PHE A 195 -9.95 13.99 -14.74
CA PHE A 195 -8.96 14.76 -14.02
C PHE A 195 -9.36 14.95 -12.57
N LYS A 196 -8.39 15.36 -11.75
CA LYS A 196 -8.60 15.63 -10.34
C LYS A 196 -7.64 16.74 -9.94
N MET A 197 -8.15 17.84 -9.43
CA MET A 197 -7.31 18.97 -9.05
C MET A 197 -7.45 19.22 -7.57
N PHE A 198 -6.34 19.45 -6.88
CA PHE A 198 -6.33 19.61 -5.45
C PHE A 198 -5.87 21.03 -5.11
N ASP A 199 -6.82 21.93 -4.94
CA ASP A 199 -6.50 23.30 -4.56
C ASP A 199 -6.19 23.34 -3.07
N VAL A 200 -4.92 23.46 -2.72
CA VAL A 200 -4.52 23.47 -1.32
C VAL A 200 -4.24 24.88 -0.83
N GLY A 201 -4.84 25.89 -1.45
CA GLY A 201 -4.63 27.24 -0.97
C GLY A 201 -5.38 27.55 0.30
N GLY A 202 -6.38 26.74 0.63
CA GLY A 202 -7.17 26.96 1.83
C GLY A 202 -6.61 26.21 3.02
N GLN A 203 -5.36 25.77 2.91
CA GLN A 203 -4.72 25.09 4.02
C GLN A 203 -4.41 26.05 5.16
N ARG A 204 -3.65 27.11 4.85
CA ARG A 204 -3.15 28.09 5.82
C ARG A 204 -2.35 27.40 6.93
N SER A 205 -1.49 26.48 6.50
CA SER A 205 -0.58 25.78 7.41
C SER A 205 0.78 25.72 6.74
N GLU A 206 1.70 24.99 7.34
CA GLU A 206 3.04 24.94 6.80
C GLU A 206 3.07 24.04 5.59
N ARG A 207 3.55 24.58 4.47
CA ARG A 207 3.58 23.84 3.22
C ARG A 207 4.62 22.75 3.22
N LYS A 208 5.57 22.76 4.15
CA LYS A 208 6.61 21.76 4.14
C LYS A 208 6.10 20.41 4.63
N LYS A 209 5.10 20.41 5.50
CA LYS A 209 4.74 19.22 6.25
C LYS A 209 3.63 18.41 5.61
N TRP A 210 3.08 18.86 4.48
CA TRP A 210 2.11 18.02 3.78
C TRP A 210 2.34 18.00 2.28
N ILE A 211 3.42 18.59 1.76
CA ILE A 211 3.58 18.62 0.32
C ILE A 211 4.17 17.33 -0.19
N HIS A 212 4.56 16.43 0.68
CA HIS A 212 4.96 15.11 0.23
C HIS A 212 3.76 14.19 0.04
N CYS A 213 2.55 14.65 0.36
CA CYS A 213 1.37 13.87 0.05
C CYS A 213 1.10 13.85 -1.44
N PHE A 214 1.48 14.92 -2.13
CA PHE A 214 1.32 15.05 -3.58
C PHE A 214 2.59 14.70 -4.31
N GLU A 215 3.36 13.73 -3.83
CA GLU A 215 4.62 13.41 -4.49
C GLU A 215 4.38 12.77 -5.84
N GLY A 216 3.29 12.02 -5.99
CA GLY A 216 3.03 11.36 -7.24
C GLY A 216 1.95 11.97 -8.10
N VAL A 217 1.81 13.30 -8.10
CA VAL A 217 0.84 13.92 -8.97
C VAL A 217 1.37 13.93 -10.40
N THR A 218 0.47 14.13 -11.34
CA THR A 218 0.89 14.17 -12.74
C THR A 218 1.56 15.51 -13.06
N ALA A 219 0.92 16.61 -12.70
CA ALA A 219 1.41 17.89 -13.19
C ALA A 219 0.93 18.99 -12.28
N ILE A 220 1.85 19.70 -11.64
CA ILE A 220 1.51 20.84 -10.80
C ILE A 220 1.00 21.95 -11.69
N ILE A 221 -0.30 22.21 -11.68
CA ILE A 221 -0.79 23.41 -12.30
C ILE A 221 -0.42 24.59 -11.42
N PHE A 222 0.35 25.51 -11.95
CA PHE A 222 0.66 26.72 -11.23
C PHE A 222 -0.23 27.84 -11.74
N CYS A 223 -0.34 28.90 -10.96
CA CYS A 223 -1.08 30.08 -11.36
C CYS A 223 -0.29 31.31 -10.96
N VAL A 224 -0.02 32.18 -11.92
CA VAL A 224 0.63 33.45 -11.67
C VAL A 224 -0.23 34.53 -12.30
N ALA A 225 -0.71 35.45 -11.49
CA ALA A 225 -1.42 36.58 -12.07
C ALA A 225 -0.41 37.53 -12.67
N LEU A 226 -0.58 37.84 -13.96
CA LEU A 226 0.29 38.81 -14.60
C LEU A 226 0.01 40.21 -14.06
N SER A 227 -1.20 40.45 -13.57
CA SER A 227 -1.60 41.78 -13.17
C SER A 227 -1.02 42.23 -11.85
N ASP A 228 -0.34 41.37 -11.10
CA ASP A 228 0.23 41.78 -9.83
C ASP A 228 1.68 42.24 -9.95
N TYR A 229 2.12 42.61 -11.15
CA TYR A 229 3.50 43.09 -11.28
C TYR A 229 3.66 44.47 -10.67
N ASP A 230 2.60 45.26 -10.65
CA ASP A 230 2.67 46.57 -10.02
C ASP A 230 2.06 46.59 -8.63
N LEU A 231 1.26 45.60 -8.28
CA LEU A 231 0.72 45.55 -6.93
C LEU A 231 1.76 45.05 -5.94
N VAL A 232 1.58 45.43 -4.69
CA VAL A 232 2.47 45.05 -3.61
C VAL A 232 1.66 44.37 -2.52
N LEU A 233 2.34 43.61 -1.67
CA LEU A 233 1.72 42.97 -0.52
C LEU A 233 2.06 43.81 0.72
N ALA A 234 1.03 44.20 1.46
CA ALA A 234 1.23 45.12 2.56
C ALA A 234 1.87 44.49 3.79
N GLU A 235 1.89 43.16 3.88
CA GLU A 235 2.34 42.48 5.09
C GLU A 235 3.86 42.54 5.22
N ASP A 236 4.58 41.96 4.26
CA ASP A 236 6.04 42.03 4.29
C ASP A 236 6.51 43.37 3.76
N GLU A 237 7.81 43.64 3.95
CA GLU A 237 8.38 44.98 3.82
C GLU A 237 8.32 45.52 2.39
N GLU A 238 9.06 44.92 1.46
CA GLU A 238 8.92 45.32 0.06
C GLU A 238 7.68 44.62 -0.49
N MET A 239 7.80 43.31 -0.70
CA MET A 239 6.70 42.38 -0.97
C MET A 239 5.89 42.78 -2.21
N ASN A 240 6.58 42.79 -3.35
CA ASN A 240 5.88 42.72 -4.62
C ASN A 240 5.20 41.36 -4.73
N ARG A 241 3.94 41.36 -5.15
CA ARG A 241 3.18 40.13 -5.19
C ARG A 241 3.70 39.18 -6.24
N MET A 242 4.20 39.71 -7.36
CA MET A 242 4.85 38.88 -8.36
C MET A 242 6.18 38.35 -7.86
N HIS A 243 6.83 39.07 -6.95
CA HIS A 243 8.11 38.61 -6.41
C HIS A 243 7.95 37.45 -5.45
N GLU A 244 6.75 37.26 -4.88
CA GLU A 244 6.55 36.12 -4.00
C GLU A 244 6.03 34.92 -4.77
N SER A 245 5.23 35.13 -5.81
CA SER A 245 4.82 34.00 -6.64
C SER A 245 6.00 33.46 -7.45
N MET A 246 6.98 34.31 -7.74
CA MET A 246 8.24 33.81 -8.25
C MET A 246 8.98 33.00 -7.20
N LYS A 247 8.86 33.38 -5.94
CA LYS A 247 9.61 32.69 -4.90
C LYS A 247 8.92 31.42 -4.46
N LEU A 248 7.61 31.35 -4.58
CA LEU A 248 6.93 30.08 -4.39
C LEU A 248 7.22 29.13 -5.54
N PHE A 249 7.36 29.67 -6.76
CA PHE A 249 7.70 28.88 -7.93
C PHE A 249 9.07 28.24 -7.78
N ASP A 250 10.02 28.98 -7.22
CA ASP A 250 11.33 28.42 -6.97
C ASP A 250 11.30 27.42 -5.83
N SER A 251 10.31 27.50 -4.95
CA SER A 251 10.23 26.61 -3.82
C SER A 251 9.52 25.31 -4.13
N ILE A 252 8.75 25.24 -5.22
CA ILE A 252 8.08 24.01 -5.58
C ILE A 252 8.71 23.34 -6.80
N CYS A 253 9.41 24.07 -7.66
CA CYS A 253 10.24 23.43 -8.66
C CYS A 253 11.32 22.61 -8.00
N ASN A 254 11.95 23.19 -6.99
CA ASN A 254 13.17 22.68 -6.41
C ASN A 254 12.90 21.97 -5.09
N ASN A 255 11.70 21.44 -4.92
CA ASN A 255 11.44 20.50 -3.86
C ASN A 255 12.15 19.19 -4.16
N LYS A 256 12.44 18.43 -3.12
CA LYS A 256 13.01 17.11 -3.35
C LYS A 256 11.96 16.12 -3.83
N TRP A 257 10.68 16.45 -3.72
CA TRP A 257 9.59 15.60 -4.16
C TRP A 257 9.19 15.88 -5.59
N PHE A 258 9.16 17.16 -5.97
CA PHE A 258 8.75 17.54 -7.31
C PHE A 258 9.97 17.66 -8.21
N THR A 259 10.60 16.52 -8.45
CA THR A 259 11.64 16.40 -9.44
C THR A 259 11.06 16.04 -10.80
N ASP A 260 10.15 15.07 -10.82
CA ASP A 260 9.59 14.58 -12.07
C ASP A 260 8.33 15.31 -12.48
N THR A 261 7.60 15.88 -11.53
CA THR A 261 6.27 16.38 -11.80
C THR A 261 6.35 17.68 -12.57
N SER A 262 5.89 17.65 -13.81
CA SER A 262 6.11 18.74 -14.74
C SER A 262 5.11 19.85 -14.49
N ILE A 263 5.60 21.05 -14.27
CA ILE A 263 4.74 22.17 -13.95
C ILE A 263 4.02 22.63 -15.20
N ILE A 264 2.71 22.69 -15.14
CA ILE A 264 1.95 23.48 -16.10
C ILE A 264 1.77 24.84 -15.48
N LEU A 265 2.08 25.89 -16.21
CA LEU A 265 2.12 27.22 -15.65
C LEU A 265 1.09 28.08 -16.36
N PHE A 266 0.14 28.60 -15.61
CA PHE A 266 -0.91 29.44 -16.16
C PHE A 266 -0.61 30.87 -15.75
N LEU A 267 -0.30 31.71 -16.73
CA LEU A 267 -0.13 33.13 -16.48
C LEU A 267 -1.50 33.77 -16.64
N ASN A 268 -2.17 34.03 -15.52
CA ASN A 268 -3.55 34.48 -15.56
C ASN A 268 -3.61 35.96 -15.90
N LYS A 269 -4.77 36.36 -16.42
CA LYS A 269 -5.18 37.76 -16.61
C LYS A 269 -4.25 38.50 -17.56
N LYS A 270 -4.15 38.00 -18.78
CA LYS A 270 -3.40 38.78 -19.76
C LYS A 270 -4.23 39.92 -20.34
N ASP A 271 -5.56 39.85 -20.24
CA ASP A 271 -6.40 40.94 -20.74
C ASP A 271 -6.32 42.17 -19.84
N LEU A 272 -6.28 41.94 -18.52
CA LEU A 272 -6.02 43.04 -17.59
C LEU A 272 -4.57 43.49 -17.68
N PHE A 273 -3.69 42.62 -18.17
CA PHE A 273 -2.28 42.95 -18.25
C PHE A 273 -1.98 43.99 -19.34
N GLU A 274 -2.72 43.97 -20.45
CA GLU A 274 -2.47 45.00 -21.45
C GLU A 274 -2.98 46.35 -20.97
N GLU A 275 -4.11 46.38 -20.28
CA GLU A 275 -4.76 47.64 -19.92
C GLU A 275 -4.12 48.32 -18.72
N LYS A 276 -2.97 47.86 -18.26
CA LYS A 276 -2.16 48.59 -17.31
C LYS A 276 -0.68 48.58 -17.65
N ILE A 277 -0.27 47.82 -18.66
CA ILE A 277 1.11 47.95 -19.13
C ILE A 277 1.25 49.10 -20.12
N LYS A 278 0.16 49.55 -20.74
CA LYS A 278 0.22 50.76 -21.54
C LYS A 278 0.34 52.00 -20.66
N LYS A 279 -0.01 51.88 -19.38
CA LYS A 279 0.18 52.95 -18.41
C LYS A 279 1.50 52.78 -17.65
N SER A 280 1.67 51.62 -17.01
CA SER A 280 2.79 51.41 -16.11
C SER A 280 3.70 50.30 -16.62
N PRO A 281 5.01 50.50 -16.62
CA PRO A 281 5.91 49.50 -17.19
C PRO A 281 6.29 48.39 -16.22
N LEU A 282 6.94 47.34 -16.74
CA LEU A 282 7.39 46.21 -15.96
C LEU A 282 8.66 46.52 -15.17
N THR A 283 9.24 47.71 -15.34
CA THR A 283 10.50 48.06 -14.69
C THR A 283 10.36 48.17 -13.17
N ILE A 284 9.13 48.35 -12.67
CA ILE A 284 8.84 48.28 -11.24
C ILE A 284 9.23 46.95 -10.62
N CYS A 285 8.66 45.85 -11.11
CA CYS A 285 8.90 44.55 -10.52
C CYS A 285 10.25 44.00 -10.90
N TYR A 286 10.80 44.42 -12.02
CA TYR A 286 12.11 43.93 -12.45
C TYR A 286 12.95 45.09 -12.97
N PRO A 287 14.04 45.45 -12.28
CA PRO A 287 14.91 46.51 -12.82
C PRO A 287 15.67 46.09 -14.06
N GLU A 288 15.94 44.79 -14.23
CA GLU A 288 16.80 44.27 -15.28
C GLU A 288 16.08 44.08 -16.61
N TYR A 289 14.96 44.76 -16.83
CA TYR A 289 14.22 44.70 -18.07
C TYR A 289 14.55 45.91 -18.92
N ALA A 290 14.87 45.66 -20.18
CA ALA A 290 15.21 46.72 -21.13
C ALA A 290 14.29 46.55 -22.34
N GLY A 291 13.15 47.22 -22.30
CA GLY A 291 12.19 47.09 -23.39
C GLY A 291 11.13 48.15 -23.23
N SER A 292 10.23 48.17 -24.20
CA SER A 292 9.20 49.19 -24.18
C SER A 292 7.97 48.67 -23.45
N ASN A 293 7.01 49.58 -23.23
CA ASN A 293 5.76 49.24 -22.58
C ASN A 293 4.80 48.63 -23.60
N THR A 294 5.12 47.41 -24.01
CA THR A 294 4.29 46.63 -24.91
C THR A 294 4.01 45.27 -24.28
N TYR A 295 2.97 44.60 -24.79
CA TYR A 295 2.55 43.33 -24.18
C TYR A 295 3.54 42.23 -24.51
N GLU A 296 3.75 41.95 -25.80
CA GLU A 296 4.49 40.77 -26.21
C GLU A 296 5.97 40.86 -25.88
N GLU A 297 6.52 42.07 -25.81
CA GLU A 297 7.91 42.23 -25.39
C GLU A 297 8.08 41.97 -23.91
N ALA A 298 7.01 42.08 -23.13
CA ALA A 298 7.10 41.92 -21.68
C ALA A 298 6.36 40.72 -21.14
N ALA A 299 5.30 40.27 -21.81
CA ALA A 299 4.61 39.07 -21.34
C ALA A 299 5.45 37.83 -21.56
N ALA A 300 6.23 37.80 -22.63
CA ALA A 300 7.19 36.73 -22.79
C ALA A 300 8.41 36.94 -21.93
N TYR A 301 8.62 38.16 -21.41
CA TYR A 301 9.72 38.37 -20.49
C TYR A 301 9.43 37.73 -19.13
N ILE A 302 8.18 37.74 -18.71
CA ILE A 302 7.82 37.13 -17.43
C ILE A 302 7.92 35.61 -17.54
N GLN A 303 7.52 35.05 -18.68
CA GLN A 303 7.63 33.62 -18.89
C GLN A 303 9.07 33.15 -18.87
N CYS A 304 9.99 33.92 -19.41
CA CYS A 304 11.39 33.58 -19.34
C CYS A 304 12.04 34.04 -18.05
N GLN A 305 11.28 34.68 -17.16
CA GLN A 305 11.70 34.85 -15.77
C GLN A 305 11.12 33.79 -14.86
N PHE A 306 10.23 32.94 -15.38
CA PHE A 306 9.63 31.83 -14.65
C PHE A 306 10.15 30.48 -15.12
N GLU A 307 10.34 30.31 -16.41
CA GLU A 307 10.77 29.02 -16.95
C GLU A 307 12.23 28.71 -16.62
N ASP A 308 12.99 29.67 -16.10
CA ASP A 308 14.37 29.45 -15.70
C ASP A 308 14.55 29.44 -14.19
N LEU A 309 13.47 29.47 -13.43
CA LEU A 309 13.57 29.36 -11.99
C LEU A 309 13.85 27.96 -11.51
N ASN A 310 13.68 26.96 -12.36
CA ASN A 310 13.95 25.59 -11.97
C ASN A 310 15.41 25.27 -12.24
N LYS A 311 16.04 24.60 -11.29
CA LYS A 311 17.39 24.07 -11.48
C LYS A 311 17.35 22.67 -12.06
N ARG A 312 16.22 22.29 -12.63
CA ARG A 312 16.01 21.00 -13.29
C ARG A 312 15.42 21.32 -14.65
N LYS A 313 16.28 21.65 -15.61
CA LYS A 313 15.84 21.84 -16.99
C LYS A 313 15.77 20.53 -17.74
N ASP A 314 16.28 19.45 -17.13
CA ASP A 314 16.39 18.14 -17.73
C ASP A 314 15.37 17.15 -17.22
N THR A 315 14.92 17.33 -15.98
CA THR A 315 14.05 16.34 -15.35
C THR A 315 12.58 16.68 -15.52
N LYS A 316 12.23 17.97 -15.57
CA LYS A 316 10.84 18.36 -15.72
C LYS A 316 10.70 19.40 -16.81
N GLU A 317 9.50 19.50 -17.35
CA GLU A 317 9.15 20.48 -18.35
C GLU A 317 8.25 21.51 -17.71
N ILE A 318 8.30 22.74 -18.18
CA ILE A 318 7.41 23.79 -17.73
C ILE A 318 6.62 24.30 -18.92
N TYR A 319 5.36 23.96 -18.99
CA TYR A 319 4.49 24.39 -20.06
C TYR A 319 3.80 25.68 -19.63
N THR A 320 3.79 26.67 -20.50
CA THR A 320 3.31 27.99 -20.13
C THR A 320 2.14 28.38 -21.02
N HIS A 321 1.13 29.03 -20.45
CA HIS A 321 -0.04 29.42 -21.22
C HIS A 321 -0.55 30.73 -20.66
N PHE A 322 -1.17 31.54 -21.51
CA PHE A 322 -1.54 32.92 -21.18
C PHE A 322 -3.06 33.05 -21.18
N THR A 323 -3.68 32.81 -20.03
CA THR A 323 -5.13 32.72 -19.91
C THR A 323 -5.70 34.06 -19.46
N CYS A 324 -6.62 34.61 -20.24
CA CYS A 324 -7.37 35.79 -19.82
C CYS A 324 -8.87 35.55 -19.76
N ALA A 325 -9.47 35.24 -20.91
CA ALA A 325 -10.86 34.79 -21.06
C ALA A 325 -10.88 33.67 -22.08
N THR A 326 -9.88 32.79 -22.00
CA THR A 326 -9.56 31.80 -23.03
C THR A 326 -10.23 30.47 -22.70
N ASP A 327 -11.45 30.54 -22.17
CA ASP A 327 -12.02 29.50 -21.32
C ASP A 327 -12.26 28.19 -22.06
N THR A 328 -12.33 28.23 -23.39
CA THR A 328 -12.39 27.00 -24.16
C THR A 328 -11.04 26.31 -24.19
N LYS A 329 -9.96 27.07 -24.41
CA LYS A 329 -8.66 26.48 -24.69
C LYS A 329 -7.77 26.38 -23.46
N ASN A 330 -8.34 26.35 -22.27
CA ASN A 330 -7.53 26.14 -21.08
C ASN A 330 -7.55 24.71 -20.61
N VAL A 331 -8.70 24.05 -20.66
CA VAL A 331 -8.73 22.62 -20.39
C VAL A 331 -8.12 21.86 -21.57
N GLN A 332 -8.20 22.43 -22.77
CA GLN A 332 -7.53 21.84 -23.91
C GLN A 332 -6.02 21.91 -23.76
N PHE A 333 -5.52 22.99 -23.16
CA PHE A 333 -4.10 23.08 -22.86
C PHE A 333 -3.70 22.06 -21.82
N VAL A 334 -4.55 21.84 -20.81
CA VAL A 334 -4.24 20.89 -19.76
C VAL A 334 -4.32 19.47 -20.30
N PHE A 335 -5.26 19.21 -21.20
CA PHE A 335 -5.34 17.88 -21.79
C PHE A 335 -4.17 17.61 -22.72
N ASP A 336 -3.68 18.64 -23.40
CA ASP A 336 -2.51 18.45 -24.24
C ASP A 336 -1.25 18.30 -23.40
N ALA A 337 -1.11 19.13 -22.37
CA ALA A 337 0.12 19.12 -21.60
C ALA A 337 0.19 17.93 -20.66
N VAL A 338 -0.95 17.41 -20.20
CA VAL A 338 -0.90 16.18 -19.43
C VAL A 338 -0.55 15.01 -20.33
N THR A 339 -1.09 15.00 -21.56
CA THR A 339 -0.76 13.93 -22.51
C THR A 339 0.70 13.99 -22.92
N ASP A 340 1.31 15.17 -22.87
CA ASP A 340 2.75 15.25 -23.03
C ASP A 340 3.47 14.67 -21.83
N VAL A 341 2.93 14.86 -20.62
CA VAL A 341 3.55 14.33 -19.42
C VAL A 341 3.31 12.83 -19.33
N ILE A 342 2.12 12.39 -19.71
CA ILE A 342 1.78 10.97 -19.68
C ILE A 342 2.65 10.19 -20.66
N ILE A 343 2.97 10.78 -21.81
CA ILE A 343 3.78 10.09 -22.81
C ILE A 343 5.23 10.01 -22.35
N LYS A 344 5.78 11.12 -21.88
CA LYS A 344 7.18 11.13 -21.45
C LYS A 344 7.38 10.34 -20.17
N ASN A 345 6.36 10.23 -19.33
CA ASN A 345 6.50 9.37 -18.16
C ASN A 345 6.38 7.91 -18.50
N ASN A 346 5.68 7.59 -19.59
CA ASN A 346 5.62 6.22 -20.04
C ASN A 346 6.93 5.80 -20.66
N LEU A 347 7.54 6.68 -21.46
CA LEU A 347 8.76 6.33 -22.17
C LEU A 347 9.97 6.25 -21.27
N LYS A 348 9.91 6.78 -20.05
CA LYS A 348 10.92 6.46 -19.06
C LYS A 348 10.56 5.22 -18.26
N ASP A 349 9.27 4.90 -18.17
CA ASP A 349 8.86 3.67 -17.50
C ASP A 349 9.19 2.45 -18.34
N CYS A 350 9.29 2.63 -19.65
CA CYS A 350 9.74 1.60 -20.56
C CYS A 350 11.25 1.58 -20.70
N GLY A 351 11.93 2.63 -20.26
CA GLY A 351 13.35 2.78 -20.44
C GLY A 351 13.75 3.46 -21.72
N LEU A 352 12.81 3.65 -22.65
CA LEU A 352 13.10 4.09 -24.01
C LEU A 352 13.57 5.53 -24.08
N PHE A 353 13.42 6.29 -23.00
CA PHE A 353 13.79 7.70 -23.00
C PHE A 353 14.85 7.96 -21.93
N GLU B 9 3.51 47.84 28.70
CA GLU B 9 4.30 47.88 27.48
C GLU B 9 4.58 46.49 26.96
N LEU B 10 4.63 46.34 25.64
CA LEU B 10 5.04 45.08 25.06
C LEU B 10 6.53 44.82 25.24
N ASP B 11 7.32 45.89 25.39
CA ASP B 11 8.77 45.72 25.50
C ASP B 11 9.17 45.23 26.88
N GLN B 12 8.51 45.72 27.93
CA GLN B 12 8.89 45.30 29.28
C GLN B 12 8.40 43.88 29.58
N LEU B 13 7.41 43.39 28.85
CA LEU B 13 6.99 42.01 29.02
C LEU B 13 8.00 41.04 28.39
N ARG B 14 8.65 41.45 27.30
CA ARG B 14 9.76 40.67 26.77
C ARG B 14 11.01 40.85 27.61
N GLN B 15 11.10 41.96 28.36
CA GLN B 15 12.14 42.14 29.36
C GLN B 15 11.94 41.21 30.55
N GLU B 16 10.71 40.78 30.81
CA GLU B 16 10.39 39.93 31.93
C GLU B 16 10.43 38.45 31.55
N ALA B 17 9.96 38.12 30.35
CA ALA B 17 9.81 36.73 29.95
C ALA B 17 11.14 36.02 29.81
N GLU B 18 12.20 36.73 29.43
CA GLU B 18 13.50 36.09 29.32
C GLU B 18 14.10 35.83 30.69
N GLN B 19 13.74 36.64 31.70
CA GLN B 19 14.19 36.36 33.06
C GLN B 19 13.56 35.07 33.58
N LEU B 20 12.28 34.87 33.27
CA LEU B 20 11.64 33.59 33.58
C LEU B 20 12.24 32.47 32.77
N LYS B 21 12.67 32.76 31.54
CA LYS B 21 13.46 31.78 30.79
C LYS B 21 14.83 31.58 31.42
N ASN B 22 15.38 32.63 32.03
CA ASN B 22 16.64 32.50 32.74
C ASN B 22 16.48 31.88 34.13
N GLN B 23 15.27 31.89 34.69
CA GLN B 23 15.03 31.21 35.95
C GLN B 23 14.74 29.73 35.76
N ILE B 24 14.01 29.36 34.70
CA ILE B 24 13.80 27.94 34.45
C ILE B 24 15.09 27.27 33.99
N ARG B 25 15.97 28.02 33.31
CA ARG B 25 17.22 27.45 32.88
C ARG B 25 18.16 27.22 34.05
N ASP B 26 18.11 28.10 35.06
CA ASP B 26 18.91 27.91 36.25
C ASP B 26 18.37 26.77 37.10
N ALA B 27 17.05 26.62 37.17
CA ALA B 27 16.45 25.57 38.00
C ALA B 27 16.71 24.20 37.41
N ARG B 28 16.71 24.08 36.08
CA ARG B 28 17.03 22.80 35.46
C ARG B 28 18.51 22.50 35.57
N LYS B 29 19.35 23.54 35.63
CA LYS B 29 20.77 23.35 35.82
C LYS B 29 21.12 23.02 37.27
N ALA B 30 20.26 23.41 38.21
CA ALA B 30 20.47 23.04 39.61
C ALA B 30 20.15 21.57 39.87
N CYS B 31 19.48 20.89 38.95
CA CYS B 31 19.10 19.50 39.12
C CYS B 31 19.92 18.55 38.26
N ALA B 32 20.72 19.06 37.33
CA ALA B 32 21.49 18.22 36.42
C ALA B 32 22.85 17.88 37.03
N ASP B 33 22.81 17.25 38.20
CA ASP B 33 24.05 16.93 38.91
C ASP B 33 24.78 15.78 38.23
N ALA B 34 24.07 14.72 37.88
CA ALA B 34 24.64 13.58 37.20
C ALA B 34 23.89 13.32 35.91
N THR B 35 24.63 13.15 34.82
CA THR B 35 24.00 12.82 33.55
C THR B 35 23.47 11.41 33.58
N LEU B 36 22.44 11.16 32.77
CA LEU B 36 21.88 9.81 32.70
C LEU B 36 22.86 8.86 32.07
N SER B 37 23.67 9.32 31.11
CA SER B 37 24.59 8.42 30.42
C SER B 37 25.71 7.92 31.32
N GLN B 38 26.01 8.61 32.42
CA GLN B 38 27.05 8.12 33.32
C GLN B 38 26.46 7.32 34.47
N ILE B 39 25.18 7.55 34.82
CA ILE B 39 24.50 6.65 35.75
C ILE B 39 24.21 5.33 35.06
N THR B 40 23.80 5.37 33.79
CA THR B 40 23.49 4.18 33.02
C THR B 40 24.71 3.51 32.43
N ASN B 41 25.90 3.90 32.84
CA ASN B 41 27.02 3.01 32.67
C ASN B 41 27.10 2.12 33.92
N ASN B 42 28.10 1.25 33.95
CA ASN B 42 28.30 0.21 34.97
C ASN B 42 27.15 -0.78 35.03
N ILE B 43 26.33 -0.84 33.99
CA ILE B 43 25.28 -1.83 33.85
C ILE B 43 25.58 -2.64 32.60
N ASP B 44 24.82 -3.72 32.44
CA ASP B 44 24.98 -4.56 31.27
C ASP B 44 24.41 -3.83 30.06
N PRO B 45 25.17 -3.69 28.98
CA PRO B 45 24.58 -3.19 27.73
C PRO B 45 23.64 -4.23 27.14
N VAL B 46 22.72 -3.75 26.32
CA VAL B 46 21.68 -4.62 25.79
C VAL B 46 22.20 -5.53 24.69
N GLY B 47 23.33 -5.19 24.08
CA GLY B 47 23.85 -5.98 22.98
C GLY B 47 23.04 -5.76 21.72
N ARG B 48 23.47 -6.44 20.67
CA ARG B 48 22.79 -6.30 19.39
C ARG B 48 21.49 -7.08 19.40
N ILE B 49 20.40 -6.43 19.02
CA ILE B 49 19.11 -7.08 18.87
C ILE B 49 18.82 -7.18 17.38
N GLN B 50 18.65 -8.41 16.89
CA GLN B 50 18.23 -8.65 15.52
C GLN B 50 16.78 -9.10 15.52
N MET B 51 15.95 -8.42 14.74
CA MET B 51 14.54 -8.74 14.62
C MET B 51 14.22 -8.95 13.15
N ARG B 52 13.73 -10.13 12.82
CA ARG B 52 13.44 -10.44 11.44
C ARG B 52 11.99 -10.13 11.12
N THR B 53 11.74 -9.78 9.87
CA THR B 53 10.39 -9.58 9.37
C THR B 53 9.60 -10.87 9.49
N ARG B 54 8.49 -10.83 10.21
CA ARG B 54 7.66 -11.99 10.35
C ARG B 54 6.42 -11.95 9.47
N ARG B 55 5.78 -10.80 9.36
CA ARG B 55 4.68 -10.64 8.43
C ARG B 55 4.99 -9.47 7.52
N THR B 56 4.32 -9.46 6.38
CA THR B 56 4.28 -8.30 5.52
C THR B 56 2.84 -8.13 5.09
N LEU B 57 2.29 -6.98 5.37
CA LEU B 57 0.88 -6.73 5.15
C LEU B 57 0.79 -5.91 3.86
N ARG B 58 0.26 -6.52 2.81
CA ARG B 58 0.55 -6.12 1.45
C ARG B 58 -0.48 -5.21 0.80
N GLY B 59 -1.73 -5.28 1.20
CA GLY B 59 -2.84 -4.85 0.36
C GLY B 59 -2.98 -3.36 0.08
N HIS B 60 -2.16 -2.50 0.67
CA HIS B 60 -2.30 -1.09 0.36
C HIS B 60 -1.72 -0.80 -1.02
N LEU B 61 -2.03 0.39 -1.54
CA LEU B 61 -1.57 0.75 -2.87
C LEU B 61 -1.03 2.17 -2.95
N ALA B 62 -0.60 2.73 -1.83
CA ALA B 62 -0.02 4.07 -1.78
C ALA B 62 0.81 4.15 -0.51
N LYS B 63 1.22 5.35 -0.14
CA LYS B 63 2.13 5.52 0.98
C LYS B 63 1.37 5.38 2.29
N ILE B 64 1.71 4.37 3.07
CA ILE B 64 1.14 4.19 4.40
C ILE B 64 1.60 5.33 5.29
N TYR B 65 0.69 6.22 5.62
CA TYR B 65 1.09 7.38 6.41
C TYR B 65 0.96 7.18 7.90
N ALA B 66 0.15 6.22 8.34
CA ALA B 66 0.00 5.99 9.76
C ALA B 66 -0.50 4.58 10.01
N MET B 67 -0.26 4.10 11.22
CA MET B 67 -0.87 2.87 11.68
C MET B 67 -1.05 2.98 13.18
N HIS B 68 -1.85 2.07 13.72
CA HIS B 68 -2.04 1.99 15.16
C HIS B 68 -2.45 0.59 15.51
N TRP B 69 -1.73 -0.02 16.45
CA TRP B 69 -2.10 -1.33 16.93
C TRP B 69 -3.36 -1.23 17.77
N GLY B 70 -4.30 -2.12 17.53
CA GLY B 70 -5.39 -2.27 18.46
C GLY B 70 -4.89 -2.84 19.78
N THR B 71 -5.64 -2.57 20.84
CA THR B 71 -5.12 -2.87 22.16
C THR B 71 -5.11 -4.35 22.50
N ASP B 72 -5.69 -5.20 21.65
CA ASP B 72 -5.57 -6.63 21.85
C ASP B 72 -4.30 -7.19 21.25
N SER B 73 -3.46 -6.33 20.67
CA SER B 73 -2.17 -6.68 20.09
C SER B 73 -2.30 -7.68 18.96
N ARG B 74 -3.42 -7.74 18.32
CA ARG B 74 -3.61 -8.61 17.18
C ARG B 74 -4.19 -7.88 15.99
N LEU B 75 -5.09 -6.96 16.21
CA LEU B 75 -5.60 -6.20 15.09
C LEU B 75 -4.75 -4.95 14.90
N LEU B 76 -4.93 -4.30 13.78
CA LEU B 76 -4.01 -3.26 13.34
C LEU B 76 -4.68 -2.45 12.26
N VAL B 77 -4.94 -1.24 12.50
CA VAL B 77 -5.50 -0.37 11.48
C VAL B 77 -4.33 0.30 10.77
N SER B 78 -4.50 0.70 9.51
CA SER B 78 -3.40 1.32 8.78
C SER B 78 -3.92 2.24 7.71
N ALA B 79 -3.81 3.54 7.91
CA ALA B 79 -4.32 4.52 6.97
C ALA B 79 -3.26 4.81 5.93
N SER B 80 -3.63 4.69 4.67
CA SER B 80 -2.70 5.00 3.61
C SER B 80 -3.30 6.03 2.68
N GLN B 81 -2.54 6.39 1.67
CA GLN B 81 -2.81 7.60 0.93
C GLN B 81 -3.75 7.38 -0.24
N ASP B 82 -4.20 6.16 -0.48
CA ASP B 82 -5.40 5.95 -1.25
C ASP B 82 -6.60 6.19 -0.33
N GLY B 83 -7.78 5.77 -0.75
CA GLY B 83 -8.90 6.05 0.10
C GLY B 83 -9.13 5.02 1.18
N LYS B 84 -8.16 4.19 1.50
CA LYS B 84 -8.43 3.02 2.33
C LYS B 84 -7.83 3.17 3.71
N LEU B 85 -8.35 2.34 4.61
CA LEU B 85 -7.99 2.26 6.01
C LEU B 85 -8.24 0.80 6.39
N ILE B 86 -7.27 -0.01 6.24
CA ILE B 86 -7.43 -1.44 6.30
C ILE B 86 -7.15 -1.89 7.72
N ILE B 87 -7.97 -2.80 8.25
CA ILE B 87 -7.77 -3.32 9.59
C ILE B 87 -7.25 -4.73 9.44
N TRP B 88 -5.98 -4.92 9.75
CA TRP B 88 -5.30 -6.17 9.53
C TRP B 88 -5.43 -7.06 10.74
N ASP B 89 -5.73 -8.32 10.51
CA ASP B 89 -5.33 -9.32 11.48
C ASP B 89 -3.83 -9.48 11.34
N SER B 90 -3.13 -9.58 12.45
CA SER B 90 -1.70 -9.68 12.33
C SER B 90 -1.22 -11.11 12.35
N TYR B 91 -1.88 -11.98 13.11
CA TYR B 91 -1.32 -13.30 13.36
C TYR B 91 -1.44 -14.19 12.15
N THR B 92 -2.54 -14.06 11.39
CA THR B 92 -2.71 -14.67 10.07
C THR B 92 -3.19 -13.55 9.19
N THR B 93 -2.34 -13.02 8.31
CA THR B 93 -2.45 -11.63 7.89
C THR B 93 -3.63 -11.25 7.02
N ASN B 94 -4.83 -11.52 7.49
CA ASN B 94 -6.03 -11.21 6.73
C ASN B 94 -6.38 -9.76 6.90
N LYS B 95 -7.30 -9.28 6.08
CA LYS B 95 -7.87 -7.96 6.24
C LYS B 95 -9.24 -8.14 6.86
N VAL B 96 -9.40 -7.62 8.07
CA VAL B 96 -10.69 -7.72 8.73
C VAL B 96 -11.68 -6.76 8.10
N HIS B 97 -11.27 -5.52 7.87
CA HIS B 97 -12.11 -4.54 7.21
C HIS B 97 -11.27 -3.78 6.22
N ALA B 98 -11.93 -3.09 5.30
CA ALA B 98 -11.30 -2.06 4.50
C ALA B 98 -12.30 -0.94 4.37
N ILE B 99 -11.93 0.24 4.85
CA ILE B 99 -12.90 1.32 5.06
C ILE B 99 -12.61 2.41 4.04
N PRO B 100 -13.40 2.58 3.02
CA PRO B 100 -13.14 3.62 2.04
C PRO B 100 -13.40 5.01 2.57
N LEU B 101 -12.35 5.81 2.70
CA LEU B 101 -12.46 7.10 3.35
C LEU B 101 -12.98 8.14 2.38
N ARG B 102 -13.49 9.23 2.94
CA ARG B 102 -14.14 10.24 2.12
C ARG B 102 -13.15 11.19 1.48
N SER B 103 -12.02 11.46 2.12
CA SER B 103 -10.92 12.19 1.51
C SER B 103 -9.69 11.34 1.64
N SER B 104 -9.00 11.12 0.55
CA SER B 104 -7.89 10.19 0.53
C SER B 104 -6.58 10.78 1.03
N TRP B 105 -6.60 11.96 1.65
CA TRP B 105 -5.42 12.60 2.20
C TRP B 105 -5.45 12.44 3.71
N VAL B 106 -5.02 11.28 4.20
CA VAL B 106 -5.07 11.02 5.62
C VAL B 106 -3.65 10.92 6.16
N MET B 107 -3.34 11.79 7.11
CA MET B 107 -2.05 11.86 7.73
C MET B 107 -2.00 11.16 9.06
N THR B 108 -3.10 10.61 9.53
CA THR B 108 -3.09 9.98 10.83
C THR B 108 -4.10 8.85 10.88
N CYS B 109 -4.14 8.19 12.03
CA CYS B 109 -4.86 6.96 12.26
C CYS B 109 -4.83 6.69 13.74
N ALA B 110 -5.85 6.00 14.23
CA ALA B 110 -5.94 5.67 15.64
C ALA B 110 -6.91 4.51 15.78
N TYR B 111 -6.57 3.55 16.59
CA TYR B 111 -7.45 2.47 16.97
C TYR B 111 -7.92 2.76 18.37
N ALA B 112 -9.23 2.71 18.61
CA ALA B 112 -9.73 2.96 19.95
C ALA B 112 -9.37 1.78 20.85
N PRO B 113 -9.05 2.02 22.13
CA PRO B 113 -8.58 0.95 22.99
C PRO B 113 -9.68 0.05 23.53
N SER B 114 -10.88 0.13 22.98
CA SER B 114 -11.93 -0.84 23.23
C SER B 114 -12.12 -1.79 22.06
N GLY B 115 -11.55 -1.46 20.91
CA GLY B 115 -11.73 -2.23 19.71
C GLY B 115 -12.87 -1.75 18.84
N ASN B 116 -13.74 -0.91 19.35
CA ASN B 116 -14.96 -0.60 18.64
C ASN B 116 -14.76 0.45 17.58
N TYR B 117 -13.97 1.47 17.84
CA TYR B 117 -13.92 2.64 16.98
C TYR B 117 -12.53 2.76 16.36
N VAL B 118 -12.46 3.50 15.27
CA VAL B 118 -11.22 3.75 14.54
C VAL B 118 -11.34 5.14 13.97
N ALA B 119 -10.34 5.99 14.19
CA ALA B 119 -10.40 7.34 13.66
C ALA B 119 -9.26 7.58 12.70
N CYS B 120 -9.48 8.49 11.75
CA CYS B 120 -8.43 8.89 10.83
C CYS B 120 -8.78 10.27 10.28
N GLY B 121 -7.82 11.17 10.35
CA GLY B 121 -8.02 12.49 9.81
C GLY B 121 -6.88 12.83 8.90
N GLY B 122 -6.83 14.05 8.38
CA GLY B 122 -5.74 14.34 7.50
C GLY B 122 -5.73 15.75 6.98
N LEU B 123 -5.54 15.92 5.68
CA LEU B 123 -5.52 17.26 5.10
C LEU B 123 -6.90 17.85 4.94
N ASP B 124 -7.97 17.08 5.13
CA ASP B 124 -9.32 17.61 5.11
C ASP B 124 -9.73 18.26 6.42
N ASN B 125 -8.85 18.24 7.43
CA ASN B 125 -8.99 18.84 8.76
C ASN B 125 -10.10 18.22 9.59
N ILE B 126 -10.53 17.01 9.25
CA ILE B 126 -11.73 16.41 9.82
C ILE B 126 -11.36 15.03 10.32
N CYS B 127 -11.68 14.75 11.58
CA CYS B 127 -11.34 13.49 12.21
C CYS B 127 -12.56 12.57 12.14
N SER B 128 -12.67 11.80 11.05
CA SER B 128 -13.77 10.89 10.90
C SER B 128 -13.60 9.71 11.84
N ILE B 129 -14.66 9.31 12.52
CA ILE B 129 -14.61 8.22 13.49
C ILE B 129 -15.55 7.13 13.03
N TYR B 130 -15.02 5.93 12.87
CA TYR B 130 -15.73 4.82 12.27
C TYR B 130 -16.13 3.85 13.36
N ASN B 131 -17.20 3.11 13.14
CA ASN B 131 -17.78 2.25 14.15
C ASN B 131 -17.74 0.84 13.60
N LEU B 132 -16.74 0.06 14.00
CA LEU B 132 -16.51 -1.23 13.37
C LEU B 132 -17.51 -2.27 13.81
N LYS B 133 -17.59 -2.49 15.12
CA LYS B 133 -18.49 -3.49 15.68
C LYS B 133 -19.89 -2.91 15.66
N THR B 134 -20.60 -3.16 14.57
CA THR B 134 -21.94 -2.63 14.37
C THR B 134 -22.92 -3.76 14.06
N ARG B 135 -24.17 -3.40 13.79
CA ARG B 135 -25.23 -4.37 13.61
C ARG B 135 -25.50 -4.70 12.15
N GLU B 136 -25.50 -3.69 11.28
CA GLU B 136 -25.78 -3.91 9.88
C GLU B 136 -24.58 -4.36 9.07
N GLY B 137 -23.50 -4.81 9.71
CA GLY B 137 -22.40 -5.46 9.03
C GLY B 137 -21.24 -4.61 8.59
N ASN B 138 -21.50 -3.46 8.00
CA ASN B 138 -20.47 -2.66 7.36
C ASN B 138 -19.99 -1.55 8.30
N VAL B 139 -18.71 -1.19 8.15
CA VAL B 139 -18.10 -0.16 8.99
C VAL B 139 -18.68 1.20 8.60
N ARG B 140 -19.24 1.89 9.57
CA ARG B 140 -20.03 3.08 9.35
C ARG B 140 -19.40 4.27 10.05
N VAL B 141 -19.41 5.43 9.40
CA VAL B 141 -18.92 6.66 10.02
C VAL B 141 -19.87 7.06 11.12
N SER B 142 -19.37 7.20 12.33
CA SER B 142 -20.25 7.69 13.37
C SER B 142 -20.11 9.19 13.55
N ARG B 143 -18.93 9.76 13.36
CA ARG B 143 -18.71 11.18 13.53
C ARG B 143 -17.76 11.72 12.48
N GLU B 144 -17.80 13.03 12.30
CA GLU B 144 -16.81 13.76 11.50
C GLU B 144 -16.49 15.01 12.30
N LEU B 145 -15.40 14.94 13.05
CA LEU B 145 -15.06 15.98 14.01
C LEU B 145 -14.41 17.14 13.29
N ALA B 146 -15.20 18.16 12.98
CA ALA B 146 -14.79 19.34 12.22
C ALA B 146 -14.00 20.30 13.10
N GLY B 147 -13.93 21.57 12.75
CA GLY B 147 -13.56 22.55 13.74
C GLY B 147 -12.08 22.83 13.93
N HIS B 148 -11.20 22.13 13.23
CA HIS B 148 -9.82 22.55 13.16
C HIS B 148 -9.63 23.44 11.95
N THR B 149 -8.48 24.10 11.90
CA THR B 149 -8.13 24.94 10.76
C THR B 149 -7.12 24.26 9.84
N GLY B 150 -6.01 23.79 10.41
CA GLY B 150 -4.99 23.12 9.63
C GLY B 150 -5.20 21.63 9.57
N TYR B 151 -4.24 20.96 8.94
CA TYR B 151 -4.28 19.51 8.77
C TYR B 151 -4.26 18.83 10.12
N LEU B 152 -4.80 17.62 10.19
CA LEU B 152 -4.68 16.85 11.41
C LEU B 152 -3.41 16.04 11.37
N SER B 153 -2.70 16.05 12.47
CA SER B 153 -1.43 15.36 12.55
C SER B 153 -1.53 14.07 13.31
N CYS B 154 -2.25 14.06 14.43
CA CYS B 154 -2.34 12.86 15.24
C CYS B 154 -3.65 12.89 15.97
N CYS B 155 -4.28 11.72 16.11
CA CYS B 155 -5.51 11.52 16.82
C CYS B 155 -5.26 10.41 17.81
N ARG B 156 -5.77 10.55 19.03
CA ARG B 156 -5.59 9.49 20.00
C ARG B 156 -6.84 9.37 20.83
N PHE B 157 -7.32 8.14 21.02
CA PHE B 157 -8.49 7.91 21.82
C PHE B 157 -8.10 7.79 23.28
N LEU B 158 -8.79 8.52 24.16
CA LEU B 158 -8.65 8.28 25.58
C LEU B 158 -9.56 7.12 26.01
N ASP B 159 -10.84 7.23 25.68
CA ASP B 159 -11.77 6.13 25.77
C ASP B 159 -12.65 6.23 24.53
N ASP B 160 -13.76 5.51 24.52
CA ASP B 160 -14.62 5.51 23.34
C ASP B 160 -15.38 6.81 23.14
N ASN B 161 -15.27 7.80 24.02
CA ASN B 161 -15.98 9.06 23.83
C ASN B 161 -15.11 10.30 23.86
N GLN B 162 -13.83 10.20 24.23
CA GLN B 162 -12.92 11.32 24.16
C GLN B 162 -11.78 11.00 23.23
N ILE B 163 -11.39 11.96 22.40
CA ILE B 163 -10.31 11.77 21.43
C ILE B 163 -9.54 13.09 21.29
N VAL B 164 -8.22 13.00 21.31
CA VAL B 164 -7.32 14.15 21.43
C VAL B 164 -6.68 14.36 20.08
N THR B 165 -7.12 15.35 19.31
CA THR B 165 -6.70 15.47 17.91
C THR B 165 -5.81 16.69 17.72
N SER B 166 -4.50 16.48 17.68
CA SER B 166 -3.55 17.58 17.51
C SER B 166 -3.41 17.94 16.05
N SER B 167 -3.78 19.15 15.71
CA SER B 167 -3.78 19.57 14.33
C SER B 167 -2.60 20.45 14.02
N GLY B 168 -2.58 21.00 12.82
CA GLY B 168 -1.47 21.78 12.34
C GLY B 168 -1.67 23.27 12.41
N ASP B 169 -2.76 23.74 12.99
CA ASP B 169 -2.96 25.17 13.24
C ASP B 169 -2.53 25.55 14.64
N THR B 170 -1.34 25.10 15.02
CA THR B 170 -0.67 25.31 16.31
C THR B 170 -1.47 24.82 17.52
N THR B 171 -2.50 24.01 17.35
CA THR B 171 -3.37 23.66 18.47
C THR B 171 -3.65 22.17 18.51
N CYS B 172 -3.67 21.61 19.71
CA CYS B 172 -4.35 20.34 19.93
C CYS B 172 -5.78 20.65 20.33
N ALA B 173 -6.53 19.61 20.66
CA ALA B 173 -7.91 19.75 21.11
C ALA B 173 -8.29 18.48 21.83
N LEU B 174 -9.40 18.51 22.54
CA LEU B 174 -9.98 17.34 23.14
C LEU B 174 -11.45 17.34 22.78
N TRP B 175 -11.93 16.22 22.28
CA TRP B 175 -13.23 16.13 21.67
C TRP B 175 -14.15 15.30 22.52
N ASP B 176 -15.43 15.46 22.27
CA ASP B 176 -16.43 14.54 22.77
C ASP B 176 -17.09 13.95 21.55
N ILE B 177 -16.97 12.65 21.37
CA ILE B 177 -17.42 12.02 20.13
C ILE B 177 -18.93 12.02 20.07
N GLU B 178 -19.59 11.75 21.18
CA GLU B 178 -21.04 11.58 21.20
C GLU B 178 -21.76 12.88 20.90
N THR B 179 -21.14 14.01 21.23
CA THR B 179 -21.68 15.34 20.93
C THR B 179 -21.06 15.96 19.69
N GLY B 180 -19.74 15.96 19.59
CA GLY B 180 -19.07 16.49 18.42
C GLY B 180 -18.47 17.87 18.56
N GLN B 181 -18.25 18.35 19.77
CA GLN B 181 -17.70 19.67 20.02
C GLN B 181 -16.46 19.54 20.89
N GLN B 182 -15.55 20.49 20.77
CA GLN B 182 -14.34 20.47 21.56
C GLN B 182 -14.66 20.75 23.01
N THR B 183 -14.30 19.85 23.92
CA THR B 183 -14.49 20.18 25.32
C THR B 183 -13.43 21.16 25.79
N THR B 184 -12.17 20.78 25.72
CA THR B 184 -11.09 21.72 25.98
C THR B 184 -10.42 22.07 24.66
N THR B 185 -9.34 22.85 24.75
CA THR B 185 -8.52 23.18 23.59
C THR B 185 -7.17 23.59 24.10
N PHE B 186 -6.13 22.85 23.73
CA PHE B 186 -4.79 23.04 24.27
C PHE B 186 -4.00 23.90 23.30
N THR B 187 -3.90 25.19 23.58
CA THR B 187 -3.14 26.09 22.74
C THR B 187 -1.95 26.64 23.50
N GLY B 188 -1.00 27.18 22.75
CA GLY B 188 0.23 27.65 23.34
C GLY B 188 1.43 27.32 22.49
N HIS B 189 1.19 26.63 21.40
CA HIS B 189 2.27 26.27 20.49
C HIS B 189 2.50 27.35 19.46
N THR B 190 3.76 27.55 19.09
CA THR B 190 4.13 28.30 17.90
C THR B 190 4.42 27.31 16.80
N GLY B 191 3.82 27.49 15.65
CA GLY B 191 3.99 26.51 14.59
C GLY B 191 3.20 25.26 14.86
N ASP B 192 3.23 24.36 13.88
CA ASP B 192 2.36 23.20 13.83
C ASP B 192 2.60 22.28 15.00
N VAL B 193 1.61 21.45 15.29
CA VAL B 193 1.75 20.34 16.20
C VAL B 193 1.83 19.09 15.34
N MET B 194 2.82 18.26 15.57
CA MET B 194 3.09 17.19 14.63
C MET B 194 2.75 15.80 15.14
N SER B 195 2.83 15.56 16.45
CA SER B 195 2.45 14.27 17.00
C SER B 195 2.26 14.41 18.48
N LEU B 196 1.31 13.68 19.03
CA LEU B 196 1.07 13.63 20.46
C LEU B 196 1.19 12.21 20.93
N SER B 197 1.26 12.05 22.25
CA SER B 197 1.13 10.73 22.83
C SER B 197 0.51 10.87 24.20
N LEU B 198 -0.58 10.16 24.43
CA LEU B 198 -1.20 10.13 25.74
C LEU B 198 -0.34 9.36 26.71
N ALA B 199 -0.41 9.75 27.98
CA ALA B 199 0.24 9.00 29.02
C ALA B 199 -0.45 7.65 29.19
N PRO B 200 0.24 6.64 29.70
CA PRO B 200 -0.41 5.35 29.92
C PRO B 200 -1.54 5.37 30.95
N ASP B 201 -1.60 6.38 31.81
CA ASP B 201 -2.77 6.60 32.65
C ASP B 201 -3.74 7.61 32.06
N THR B 202 -3.45 8.12 30.86
CA THR B 202 -4.34 8.96 30.02
C THR B 202 -4.81 10.21 30.73
N ARG B 203 -4.03 10.71 31.68
CA ARG B 203 -4.31 11.96 32.35
C ARG B 203 -3.53 13.12 31.74
N LEU B 204 -2.30 12.87 31.31
CA LEU B 204 -1.47 13.84 30.64
C LEU B 204 -1.24 13.40 29.20
N PHE B 205 -0.85 14.36 28.37
CA PHE B 205 -0.26 14.01 27.08
C PHE B 205 0.73 15.10 26.69
N VAL B 206 1.71 14.71 25.90
CA VAL B 206 2.66 15.65 25.35
C VAL B 206 2.31 15.90 23.89
N SER B 207 2.97 16.85 23.27
CA SER B 207 2.64 17.21 21.91
C SER B 207 3.84 17.86 21.26
N GLY B 208 4.57 17.10 20.44
CA GLY B 208 5.68 17.65 19.71
C GLY B 208 5.22 18.62 18.65
N ALA B 209 6.11 19.50 18.24
CA ALA B 209 5.69 20.62 17.42
C ALA B 209 6.76 20.97 16.41
N CYS B 210 6.49 21.98 15.60
CA CYS B 210 7.44 22.48 14.63
C CYS B 210 8.17 23.72 15.11
N ASP B 211 8.14 24.01 16.40
CA ASP B 211 9.06 24.99 16.97
C ASP B 211 10.03 24.32 17.92
N ALA B 212 10.32 23.04 17.65
CA ALA B 212 11.29 22.24 18.39
C ALA B 212 10.96 22.13 19.87
N SER B 213 9.68 22.03 20.20
CA SER B 213 9.29 22.04 21.60
C SER B 213 8.14 21.09 21.82
N ALA B 214 8.36 20.09 22.67
CA ALA B 214 7.25 19.34 23.21
C ALA B 214 6.61 20.13 24.34
N LYS B 215 5.41 19.73 24.73
CA LYS B 215 4.69 20.47 25.76
C LYS B 215 3.83 19.49 26.52
N LEU B 216 4.07 19.35 27.81
CA LEU B 216 3.24 18.46 28.60
C LEU B 216 1.92 19.14 28.93
N TRP B 217 0.81 18.54 28.51
CA TRP B 217 -0.51 19.07 28.83
C TRP B 217 -1.18 18.20 29.86
N ASP B 218 -2.31 18.68 30.37
CA ASP B 218 -3.17 17.93 31.25
C ASP B 218 -4.58 17.98 30.67
N VAL B 219 -5.19 16.82 30.46
CA VAL B 219 -6.47 16.77 29.78
C VAL B 219 -7.61 17.25 30.66
N ARG B 220 -7.41 17.30 31.98
CA ARG B 220 -8.42 17.79 32.89
C ARG B 220 -8.29 19.29 33.13
N GLU B 221 -7.06 19.76 33.34
CA GLU B 221 -6.82 21.17 33.61
C GLU B 221 -7.13 22.01 32.39
N GLY B 222 -6.39 21.80 31.30
CA GLY B 222 -6.68 22.46 30.04
C GLY B 222 -5.55 23.30 29.48
N MET B 223 -4.42 23.38 30.16
CA MET B 223 -3.26 24.08 29.63
C MET B 223 -1.98 23.47 30.18
N CYS B 224 -0.86 23.96 29.65
CA CYS B 224 0.42 23.28 29.69
C CYS B 224 1.00 23.22 31.10
N ARG B 225 1.39 22.02 31.52
CA ARG B 225 2.13 21.90 32.77
C ARG B 225 3.53 22.49 32.63
N GLN B 226 4.35 21.88 31.77
CA GLN B 226 5.68 22.39 31.50
C GLN B 226 6.02 22.21 30.03
N THR B 227 6.85 23.10 29.52
CA THR B 227 7.22 23.13 28.12
C THR B 227 8.68 22.74 27.98
N PHE B 228 8.94 21.68 27.23
CA PHE B 228 10.28 21.20 27.00
C PHE B 228 10.84 21.81 25.74
N THR B 229 12.14 22.07 25.74
CA THR B 229 12.82 22.64 24.60
C THR B 229 14.19 22.00 24.56
N GLY B 230 14.82 22.00 23.39
CA GLY B 230 16.13 21.43 23.29
C GLY B 230 16.42 20.84 21.94
N HIS B 231 15.38 20.66 21.13
CA HIS B 231 15.63 20.23 19.77
C HIS B 231 16.04 21.42 18.93
N GLU B 232 16.53 21.12 17.73
CA GLU B 232 16.99 22.16 16.82
C GLU B 232 16.03 22.41 15.67
N SER B 233 15.09 21.51 15.42
CA SER B 233 14.15 21.69 14.34
C SER B 233 12.87 20.93 14.69
N ASP B 234 12.06 20.67 13.67
CA ASP B 234 10.66 20.29 13.86
C ASP B 234 10.53 18.93 14.49
N ILE B 235 9.95 18.88 15.70
CA ILE B 235 9.69 17.62 16.39
C ILE B 235 8.49 16.96 15.74
N ASN B 236 8.69 15.78 15.16
CA ASN B 236 7.58 15.10 14.52
C ASN B 236 7.44 13.65 14.97
N ALA B 237 7.73 13.40 16.23
CA ALA B 237 7.56 12.08 16.84
C ALA B 237 7.55 12.27 18.33
N ILE B 238 6.63 11.59 19.00
CA ILE B 238 6.51 11.63 20.45
C ILE B 238 6.12 10.24 20.90
N CYS B 239 6.81 9.71 21.89
CA CYS B 239 6.35 8.50 22.55
C CYS B 239 6.63 8.65 24.03
N PHE B 240 5.65 8.33 24.86
CA PHE B 240 5.90 8.29 26.29
C PHE B 240 6.76 7.10 26.65
N PHE B 241 7.55 7.27 27.70
CA PHE B 241 8.15 6.13 28.38
C PHE B 241 7.03 5.27 28.96
N PRO B 242 7.20 3.95 29.00
CA PRO B 242 6.15 3.07 29.55
C PRO B 242 5.85 3.31 31.01
N ASN B 243 6.80 3.87 31.76
CA ASN B 243 6.54 4.35 33.10
C ASN B 243 5.54 5.49 33.09
N GLY B 244 5.53 6.29 32.03
CA GLY B 244 4.66 7.44 31.98
C GLY B 244 5.25 8.67 32.63
N ASN B 245 6.55 8.66 32.91
CA ASN B 245 7.22 9.78 33.55
C ASN B 245 8.28 10.42 32.69
N ALA B 246 8.68 9.80 31.59
CA ALA B 246 9.63 10.35 30.64
C ALA B 246 9.00 10.24 29.27
N PHE B 247 9.61 10.87 28.26
CA PHE B 247 9.15 10.68 26.90
C PHE B 247 10.26 10.98 25.91
N ALA B 248 10.31 10.21 24.84
CA ALA B 248 11.26 10.47 23.78
C ALA B 248 10.69 11.51 22.83
N THR B 249 11.51 11.95 21.90
CA THR B 249 11.04 12.73 20.77
C THR B 249 11.71 12.19 19.53
N GLY B 250 11.62 12.95 18.46
CA GLY B 250 12.27 12.62 17.21
C GLY B 250 12.08 13.82 16.33
N SER B 251 13.10 14.26 15.63
CA SER B 251 12.97 15.51 14.91
C SER B 251 13.75 15.46 13.61
N ASP B 252 13.83 16.60 12.95
CA ASP B 252 14.45 16.71 11.65
C ASP B 252 15.92 17.08 11.71
N ASP B 253 16.50 17.22 12.90
CA ASP B 253 17.94 17.19 13.03
C ASP B 253 18.47 15.79 13.31
N ALA B 254 17.68 14.77 12.98
CA ALA B 254 18.06 13.37 13.01
C ALA B 254 18.48 12.88 14.39
N THR B 255 17.90 13.43 15.44
CA THR B 255 18.26 13.04 16.80
C THR B 255 17.02 12.85 17.65
N CYS B 256 17.03 11.81 18.48
CA CYS B 256 16.00 11.69 19.50
C CYS B 256 16.51 12.34 20.78
N ARG B 257 15.59 12.67 21.68
CA ARG B 257 15.95 13.11 23.01
C ARG B 257 14.96 12.53 23.98
N LEU B 258 15.46 11.87 25.02
CA LEU B 258 14.60 11.39 26.09
C LEU B 258 14.45 12.51 27.10
N PHE B 259 13.25 13.09 27.19
CA PHE B 259 13.00 14.11 28.18
C PHE B 259 12.52 13.45 29.46
N ASP B 260 12.25 14.25 30.49
CA ASP B 260 11.67 13.69 31.69
C ASP B 260 10.71 14.69 32.30
N LEU B 261 9.54 14.20 32.69
CA LEU B 261 8.47 15.08 33.17
C LEU B 261 8.74 15.58 34.57
N ARG B 262 9.57 14.90 35.36
CA ARG B 262 9.83 15.30 36.73
C ARG B 262 11.08 16.13 36.89
N ALA B 263 12.11 15.89 36.10
CA ALA B 263 13.29 16.74 36.09
C ALA B 263 13.17 17.90 35.11
N ASP B 264 12.13 17.93 34.28
CA ASP B 264 11.79 19.02 33.35
C ASP B 264 12.89 19.31 32.33
N GLN B 265 13.73 18.33 32.00
CA GLN B 265 14.79 18.54 31.01
C GLN B 265 15.16 17.20 30.41
N GLU B 266 15.83 17.25 29.26
CA GLU B 266 16.17 16.03 28.57
C GLU B 266 17.26 15.27 29.31
N LEU B 267 17.19 13.96 29.23
CA LEU B 267 18.14 13.14 29.99
C LEU B 267 19.27 12.64 29.13
N MET B 268 19.01 12.25 27.89
CA MET B 268 20.08 11.88 26.99
C MET B 268 19.66 12.24 25.57
N THR B 269 20.59 12.08 24.64
CA THR B 269 20.32 12.34 23.23
C THR B 269 20.78 11.15 22.42
N TYR B 270 20.10 10.92 21.30
CA TYR B 270 20.31 9.72 20.51
C TYR B 270 20.70 10.16 19.11
N SER B 271 21.99 10.37 18.90
CA SER B 271 22.49 10.76 17.60
C SER B 271 23.66 9.87 17.22
N HIS B 272 23.61 9.33 16.02
CA HIS B 272 24.74 8.69 15.39
C HIS B 272 25.24 9.67 14.34
N ASP B 273 26.56 9.74 14.18
CA ASP B 273 27.05 10.71 13.23
C ASP B 273 26.98 10.22 11.79
N ASN B 274 26.56 8.97 11.58
CA ASN B 274 26.37 8.41 10.25
C ASN B 274 24.94 8.56 9.76
N ILE B 275 24.08 9.26 10.49
CA ILE B 275 22.71 9.55 10.06
C ILE B 275 22.48 11.06 10.14
N ILE B 276 21.82 11.60 9.12
CA ILE B 276 21.72 13.03 8.90
C ILE B 276 20.28 13.34 8.50
N CYS B 277 19.40 12.36 8.66
CA CYS B 277 18.19 12.28 7.84
C CYS B 277 16.98 12.97 8.46
N GLY B 278 16.62 12.61 9.68
CA GLY B 278 15.37 13.05 10.27
C GLY B 278 14.50 11.87 10.65
N ILE B 279 13.59 12.13 11.58
CA ILE B 279 12.83 11.08 12.23
C ILE B 279 11.35 11.28 11.93
N THR B 280 10.66 10.18 11.63
CA THR B 280 9.25 10.19 11.29
C THR B 280 8.34 9.71 12.40
N SER B 281 8.70 8.63 13.10
CA SER B 281 8.00 8.28 14.33
C SER B 281 8.89 7.44 15.19
N VAL B 282 8.87 7.68 16.51
CA VAL B 282 9.56 6.85 17.47
C VAL B 282 8.54 6.01 18.23
N SER B 283 9.04 5.01 18.93
CA SER B 283 8.24 4.20 19.83
C SER B 283 9.16 3.42 20.76
N PHE B 284 8.89 3.50 22.06
CA PHE B 284 9.59 2.67 23.01
C PHE B 284 9.14 1.23 22.87
N SER B 285 9.91 0.34 23.47
CA SER B 285 9.45 -1.02 23.62
C SER B 285 8.62 -1.11 24.90
N LYS B 286 8.17 -2.31 25.22
CA LYS B 286 7.77 -2.58 26.59
C LYS B 286 9.01 -2.50 27.47
N SER B 287 8.80 -2.17 28.76
CA SER B 287 9.82 -1.96 29.78
C SER B 287 10.73 -0.77 29.53
N GLY B 288 10.57 -0.07 28.41
CA GLY B 288 11.28 1.17 28.14
C GLY B 288 12.76 1.05 27.94
N ARG B 289 13.23 0.00 27.28
CA ARG B 289 14.65 -0.18 27.06
C ARG B 289 15.07 0.09 25.63
N LEU B 290 14.18 -0.07 24.67
CA LEU B 290 14.48 0.23 23.29
C LEU B 290 13.75 1.50 22.88
N LEU B 291 14.27 2.17 21.86
CA LEU B 291 13.73 3.45 21.43
C LEU B 291 13.66 3.43 19.92
N LEU B 292 12.89 2.50 19.38
CA LEU B 292 12.87 2.22 17.94
C LEU B 292 12.40 3.43 17.16
N ALA B 293 13.31 4.13 16.51
CA ALA B 293 13.00 5.39 15.85
C ALA B 293 13.02 5.19 14.35
N GLY B 294 12.02 5.70 13.65
CA GLY B 294 11.89 5.50 12.23
C GLY B 294 12.45 6.69 11.46
N TYR B 295 13.39 6.41 10.59
CA TYR B 295 14.17 7.46 9.96
C TYR B 295 13.78 7.61 8.51
N ASP B 296 14.24 8.70 7.91
CA ASP B 296 13.97 9.01 6.51
C ASP B 296 14.82 8.24 5.53
N ASP B 297 15.92 7.61 5.98
CA ASP B 297 16.73 6.77 5.11
C ASP B 297 16.30 5.33 5.17
N PHE B 298 15.01 5.10 5.33
CA PHE B 298 14.28 3.91 4.95
C PHE B 298 14.50 2.83 5.99
N ASN B 299 15.04 3.15 7.16
CA ASN B 299 15.36 2.15 8.15
C ASN B 299 15.02 2.66 9.55
N CYS B 300 14.45 1.78 10.36
CA CYS B 300 14.38 2.00 11.79
C CYS B 300 15.68 1.50 12.38
N ASN B 301 16.10 2.09 13.49
CA ASN B 301 17.24 1.51 14.17
C ASN B 301 17.07 1.63 15.67
N VAL B 302 17.16 0.50 16.32
CA VAL B 302 16.80 0.33 17.72
C VAL B 302 17.86 0.93 18.60
N TRP B 303 17.64 2.15 19.06
CA TRP B 303 18.49 2.69 20.11
C TRP B 303 18.19 1.99 21.41
N ASP B 304 19.23 1.68 22.16
CA ASP B 304 19.03 1.41 23.57
C ASP B 304 18.59 2.71 24.22
N ALA B 305 17.68 2.61 25.17
CA ALA B 305 17.09 3.84 25.70
C ALA B 305 17.91 4.45 26.80
N LEU B 306 18.75 3.65 27.48
CA LEU B 306 19.51 4.14 28.61
C LEU B 306 20.90 4.61 28.20
N LYS B 307 21.57 3.84 27.36
CA LYS B 307 22.81 4.25 26.73
C LYS B 307 22.56 4.42 25.24
N ALA B 308 23.27 5.32 24.61
CA ALA B 308 22.89 5.73 23.26
C ALA B 308 23.41 4.81 22.17
N ASP B 309 23.72 3.56 22.49
CA ASP B 309 24.28 2.64 21.51
C ASP B 309 23.20 2.16 20.56
N ARG B 310 23.42 2.36 19.26
CA ARG B 310 22.46 1.94 18.24
C ARG B 310 22.51 0.43 18.14
N ALA B 311 21.56 -0.25 18.80
CA ALA B 311 21.64 -1.68 19.04
C ALA B 311 20.96 -2.52 17.96
N GLY B 312 20.95 -2.06 16.73
CA GLY B 312 20.32 -2.82 15.65
C GLY B 312 19.77 -1.89 14.61
N VAL B 313 19.37 -2.47 13.49
CA VAL B 313 18.76 -1.72 12.38
C VAL B 313 17.66 -2.59 11.79
N LEU B 314 16.46 -2.02 11.67
CA LEU B 314 15.35 -2.70 11.00
C LEU B 314 15.17 -2.19 9.58
N ALA B 315 16.18 -2.39 8.73
CA ALA B 315 16.10 -2.00 7.34
C ALA B 315 15.43 -3.12 6.56
N GLY B 316 14.20 -2.90 6.14
CA GLY B 316 13.53 -3.83 5.26
C GLY B 316 12.63 -3.10 4.29
N HIS B 317 12.62 -1.79 4.39
CA HIS B 317 11.66 -0.97 3.66
C HIS B 317 12.34 -0.25 2.51
N ASP B 318 11.61 -0.12 1.42
CA ASP B 318 12.14 0.52 0.23
C ASP B 318 11.82 2.00 0.16
N ASN B 319 11.33 2.60 1.25
CA ASN B 319 11.05 4.03 1.32
C ASN B 319 10.96 4.41 2.79
N ARG B 320 10.60 5.67 3.05
CA ARG B 320 10.64 6.24 4.41
C ARG B 320 9.70 5.52 5.35
N VAL B 321 10.23 5.04 6.45
CA VAL B 321 9.38 4.44 7.48
C VAL B 321 8.65 5.57 8.18
N SER B 322 7.37 5.77 7.86
CA SER B 322 6.64 6.92 8.34
C SER B 322 5.72 6.62 9.50
N CYS B 323 5.65 5.38 9.94
CA CYS B 323 4.82 5.02 11.07
C CYS B 323 5.37 3.78 11.70
N LEU B 324 5.31 3.72 13.02
CA LEU B 324 6.02 2.70 13.76
C LEU B 324 5.19 2.42 15.00
N GLY B 325 5.02 1.15 15.32
CA GLY B 325 4.20 0.84 16.48
C GLY B 325 4.58 -0.45 17.16
N VAL B 326 4.75 -0.40 18.44
CA VAL B 326 4.98 -1.59 19.24
C VAL B 326 3.66 -1.98 19.88
N THR B 327 3.39 -3.28 19.94
CA THR B 327 2.15 -3.80 20.48
C THR B 327 2.04 -3.50 21.96
N ASP B 328 0.83 -3.64 22.50
CA ASP B 328 0.67 -3.35 23.92
C ASP B 328 1.20 -4.44 24.81
N ASP B 329 1.50 -5.64 24.30
CA ASP B 329 2.20 -6.63 25.07
C ASP B 329 3.67 -6.73 24.70
N GLY B 330 4.12 -5.94 23.75
CA GLY B 330 5.52 -5.91 23.37
C GLY B 330 5.99 -7.10 22.57
N MET B 331 5.08 -7.91 22.05
CA MET B 331 5.48 -9.10 21.33
C MET B 331 6.03 -8.81 19.95
N ALA B 332 5.69 -7.67 19.35
CA ALA B 332 6.13 -7.39 18.00
C ALA B 332 6.18 -5.89 17.77
N VAL B 333 6.81 -5.52 16.67
CA VAL B 333 6.95 -4.14 16.23
C VAL B 333 6.43 -4.11 14.81
N ALA B 334 5.51 -3.22 14.53
CA ALA B 334 5.02 -3.07 13.17
C ALA B 334 5.42 -1.72 12.68
N THR B 335 6.14 -1.68 11.59
CA THR B 335 6.49 -0.45 10.91
C THR B 335 5.81 -0.44 9.56
N GLY B 336 5.51 0.73 9.07
CA GLY B 336 4.90 0.85 7.77
C GLY B 336 5.54 2.01 7.04
N SER B 337 5.67 1.86 5.74
CA SER B 337 6.52 2.82 5.07
C SER B 337 5.84 3.47 3.88
N TRP B 338 6.57 4.23 3.09
CA TRP B 338 5.95 4.92 1.98
C TRP B 338 5.80 4.05 0.75
N ASP B 339 6.47 2.92 0.69
CA ASP B 339 5.94 1.85 -0.13
C ASP B 339 4.86 1.17 0.68
N SER B 340 3.91 0.60 0.01
CA SER B 340 2.68 0.21 0.69
C SER B 340 2.79 -0.96 1.62
N PHE B 341 3.94 -1.50 2.00
CA PHE B 341 4.00 -2.68 2.83
C PHE B 341 4.26 -2.29 4.26
N LEU B 342 3.90 -3.19 5.15
CA LEU B 342 3.78 -2.91 6.56
C LEU B 342 4.38 -4.11 7.28
N LYS B 343 5.67 -4.09 7.50
CA LYS B 343 6.34 -5.27 7.99
C LYS B 343 6.26 -5.33 9.49
N ILE B 344 5.97 -6.51 10.02
CA ILE B 344 5.86 -6.73 11.45
C ILE B 344 7.11 -7.45 11.93
N TRP B 345 7.86 -6.82 12.81
CA TRP B 345 9.20 -7.26 13.15
C TRP B 345 9.19 -7.80 14.57
N ASN B 346 8.94 -9.09 14.73
CA ASN B 346 8.96 -9.68 16.07
C ASN B 346 10.37 -9.76 16.60
N SER C 8 0.12 42.81 20.08
CA SER C 8 0.46 41.54 20.70
C SER C 8 0.62 41.70 22.20
N ILE C 9 -0.07 42.70 22.76
CA ILE C 9 -0.07 42.92 24.20
C ILE C 9 -0.75 41.75 24.91
N ALA C 10 -1.85 41.25 24.34
CA ALA C 10 -2.52 40.09 24.92
C ALA C 10 -1.70 38.82 24.73
N GLN C 11 -0.98 38.71 23.61
CA GLN C 11 -0.11 37.55 23.43
C GLN C 11 1.10 37.61 24.35
N ALA C 12 1.61 38.80 24.63
CA ALA C 12 2.78 38.92 25.49
C ALA C 12 2.46 38.66 26.96
N ARG C 13 1.20 38.81 27.36
CA ARG C 13 0.84 38.49 28.73
C ARG C 13 0.70 37.00 28.92
N LYS C 14 0.01 36.33 27.98
CA LYS C 14 -0.26 34.90 28.10
C LYS C 14 1.00 34.06 28.05
N LEU C 15 2.05 34.57 27.41
CA LEU C 15 3.34 33.90 27.43
C LEU C 15 3.98 33.98 28.82
N VAL C 16 3.71 35.05 29.56
CA VAL C 16 4.33 35.24 30.86
C VAL C 16 3.49 34.62 32.00
N GLU C 17 2.15 34.66 31.89
CA GLU C 17 1.32 33.94 32.85
C GLU C 17 1.57 32.44 32.83
N GLN C 18 1.89 31.89 31.67
CA GLN C 18 2.24 30.47 31.63
C GLN C 18 3.66 30.25 32.15
N LEU C 19 4.58 31.16 31.83
CA LEU C 19 5.98 30.95 32.20
C LEU C 19 6.19 31.09 33.69
N LYS C 20 5.41 31.94 34.36
CA LYS C 20 5.46 32.02 35.81
C LYS C 20 4.92 30.75 36.45
N MET C 21 3.86 30.18 35.88
CA MET C 21 3.32 28.94 36.40
C MET C 21 4.21 27.76 36.02
N GLU C 22 4.95 27.86 34.93
CA GLU C 22 5.87 26.80 34.55
C GLU C 22 7.14 26.82 35.38
N ALA C 23 7.59 28.00 35.83
CA ALA C 23 8.78 28.08 36.65
C ALA C 23 8.56 27.54 38.05
N ASN C 24 7.32 27.52 38.53
CA ASN C 24 7.03 27.08 39.89
C ASN C 24 6.66 25.60 39.88
N ILE C 25 7.66 24.78 39.62
CA ILE C 25 7.49 23.34 39.46
C ILE C 25 8.57 22.64 40.27
N ASP C 26 8.17 21.72 41.13
CA ASP C 26 9.10 20.98 41.97
C ASP C 26 9.88 19.99 41.11
N ARG C 27 11.10 20.34 40.76
CA ARG C 27 11.95 19.51 39.92
C ARG C 27 12.83 18.64 40.79
N ILE C 28 12.73 17.33 40.64
CA ILE C 28 13.64 16.41 41.31
C ILE C 28 14.89 16.30 40.45
N LYS C 29 15.93 15.66 40.96
CA LYS C 29 17.21 15.64 40.29
C LYS C 29 17.29 14.50 39.28
N VAL C 30 18.20 14.66 38.31
CA VAL C 30 18.50 13.61 37.34
C VAL C 30 19.16 12.42 38.02
N SER C 31 19.73 12.61 39.21
CA SER C 31 20.16 11.48 40.00
C SER C 31 19.00 10.62 40.46
N LYS C 32 17.81 11.21 40.62
CA LYS C 32 16.63 10.44 40.96
C LYS C 32 15.62 10.36 39.84
N ALA C 33 15.73 11.22 38.83
CA ALA C 33 14.89 11.07 37.65
C ALA C 33 15.35 9.92 36.77
N ALA C 34 16.60 9.51 36.86
CA ALA C 34 17.11 8.40 36.09
C ALA C 34 17.21 7.11 36.88
N ALA C 35 17.27 7.19 38.20
CA ALA C 35 17.43 5.99 39.01
C ALA C 35 16.14 5.21 39.13
N ASP C 36 15.00 5.78 38.75
CA ASP C 36 13.79 4.99 38.62
C ASP C 36 13.48 4.62 37.17
N LEU C 37 13.95 5.41 36.20
CA LEU C 37 13.95 4.96 34.82
C LEU C 37 14.88 3.78 34.63
N MET C 38 16.00 3.74 35.35
CA MET C 38 16.77 2.51 35.39
C MET C 38 16.00 1.42 36.13
N ALA C 39 15.36 1.78 37.25
CA ALA C 39 14.66 0.78 38.04
C ALA C 39 13.39 0.29 37.37
N TYR C 40 12.91 1.00 36.35
CA TYR C 40 11.76 0.51 35.61
C TYR C 40 12.16 -0.59 34.63
N CYS C 41 13.25 -0.41 33.88
CA CYS C 41 13.63 -1.39 32.87
C CYS C 41 14.15 -2.67 33.49
N GLU C 42 14.97 -2.57 34.54
CA GLU C 42 15.54 -3.76 35.14
C GLU C 42 14.50 -4.58 35.88
N ALA C 43 13.41 -3.94 36.32
CA ALA C 43 12.32 -4.71 36.90
C ALA C 43 11.52 -5.42 35.81
N HIS C 44 11.30 -4.76 34.68
CA HIS C 44 10.36 -5.22 33.68
C HIS C 44 11.00 -5.83 32.45
N ALA C 45 12.32 -6.07 32.47
CA ALA C 45 13.00 -6.67 31.32
C ALA C 45 12.66 -8.14 31.15
N LYS C 46 12.03 -8.77 32.14
CA LYS C 46 11.55 -10.13 31.98
C LYS C 46 10.31 -10.15 31.10
N GLU C 47 9.52 -9.08 31.14
CA GLU C 47 8.27 -8.95 30.41
C GLU C 47 8.45 -8.26 29.06
N ASP C 48 9.65 -8.24 28.53
CA ASP C 48 9.92 -7.57 27.26
C ASP C 48 10.37 -8.59 26.24
N PRO C 49 9.54 -8.96 25.29
CA PRO C 49 9.94 -9.96 24.31
C PRO C 49 10.74 -9.43 23.14
N LEU C 50 11.28 -8.22 23.28
CA LEU C 50 12.16 -7.65 22.27
C LEU C 50 13.59 -7.49 22.73
N LEU C 51 13.84 -7.49 24.04
CA LEU C 51 15.21 -7.54 24.54
C LEU C 51 15.79 -8.92 24.36
N THR C 52 15.20 -9.92 25.01
CA THR C 52 15.61 -11.29 24.80
C THR C 52 14.62 -11.99 23.89
N PRO C 53 15.06 -12.53 22.77
CA PRO C 53 14.14 -13.26 21.91
C PRO C 53 13.69 -14.57 22.53
N VAL C 54 12.45 -14.60 22.99
CA VAL C 54 11.80 -15.84 23.44
C VAL C 54 11.48 -16.64 22.19
N PRO C 55 11.50 -17.98 22.23
CA PRO C 55 11.46 -18.75 20.98
C PRO C 55 10.10 -18.79 20.30
N ALA C 56 9.99 -19.59 19.24
CA ALA C 56 8.74 -19.69 18.49
C ALA C 56 7.64 -20.40 19.28
N SER C 57 7.97 -21.03 20.41
CA SER C 57 6.95 -21.62 21.25
C SER C 57 6.08 -20.55 21.91
N GLU C 58 6.64 -19.39 22.21
CA GLU C 58 5.94 -18.31 22.88
C GLU C 58 5.65 -17.13 21.97
N ASN C 59 6.12 -17.18 20.75
CA ASN C 59 5.90 -16.23 19.67
C ASN C 59 4.55 -16.50 19.02
N PRO C 60 3.71 -15.50 18.85
CA PRO C 60 2.53 -15.68 18.00
C PRO C 60 2.82 -15.52 16.52
N PHE C 61 3.91 -14.86 16.17
CA PHE C 61 4.22 -14.52 14.78
C PHE C 61 5.18 -15.52 14.14
N ARG C 62 5.17 -16.77 14.57
CA ARG C 62 6.09 -17.76 14.03
C ARG C 62 5.72 -18.11 12.59
N GLU C 63 4.49 -18.55 12.36
CA GLU C 63 3.94 -18.77 11.03
C GLU C 63 2.42 -18.80 11.08
N GLU D 150 25.18 -39.29 -43.45
CA GLU D 150 25.90 -38.24 -44.16
C GLU D 150 26.44 -37.19 -43.19
N CYS D 151 27.73 -36.90 -43.29
CA CYS D 151 28.35 -35.83 -42.52
C CYS D 151 28.87 -34.75 -43.47
N PHE D 152 29.11 -33.57 -42.89
CA PHE D 152 29.38 -32.35 -43.63
C PHE D 152 30.64 -31.68 -43.05
N MET D 153 31.74 -32.43 -43.15
CA MET D 153 33.00 -32.17 -42.47
C MET D 153 33.73 -30.88 -42.87
N VAL D 154 33.10 -30.00 -43.65
CA VAL D 154 33.69 -28.77 -44.13
C VAL D 154 34.14 -27.88 -42.98
N LEU D 155 35.41 -27.46 -43.02
CA LEU D 155 36.03 -26.63 -42.00
C LEU D 155 37.08 -25.76 -42.66
N ASN D 156 37.18 -24.51 -42.20
CA ASN D 156 38.21 -23.60 -42.67
C ASN D 156 39.58 -24.09 -42.20
N PRO D 157 40.64 -23.87 -43.00
CA PRO D 157 41.97 -24.36 -42.61
C PRO D 157 42.55 -23.64 -41.40
N SER D 158 42.70 -22.33 -41.48
CA SER D 158 43.28 -21.54 -40.40
C SER D 158 42.30 -20.53 -39.82
N GLN D 159 41.19 -20.24 -40.50
CA GLN D 159 40.18 -19.33 -40.00
C GLN D 159 39.35 -19.93 -38.88
N GLN D 160 39.50 -21.23 -38.60
CA GLN D 160 38.69 -21.89 -37.59
C GLN D 160 39.10 -21.50 -36.17
N LEU D 161 40.41 -21.44 -35.88
CA LEU D 161 40.84 -21.11 -34.52
C LEU D 161 40.67 -19.64 -34.22
N ALA D 162 40.71 -18.79 -35.26
CA ALA D 162 40.54 -17.36 -35.08
C ALA D 162 39.15 -17.03 -34.54
N ILE D 163 38.12 -17.58 -35.16
CA ILE D 163 36.75 -17.32 -34.73
C ILE D 163 36.36 -18.14 -33.50
N ALA D 164 37.14 -19.15 -33.14
CA ALA D 164 36.76 -19.99 -32.01
C ALA D 164 37.28 -19.42 -30.70
N VAL D 165 38.51 -18.89 -30.68
CA VAL D 165 38.97 -18.22 -29.48
C VAL D 165 38.34 -16.84 -29.37
N LEU D 166 37.86 -16.27 -30.48
CA LEU D 166 37.09 -15.04 -30.45
C LEU D 166 35.75 -15.28 -29.77
N SER D 167 34.98 -16.25 -30.25
CA SER D 167 33.70 -16.57 -29.65
C SER D 167 33.84 -17.17 -28.26
N LEU D 168 35.00 -17.74 -27.93
CA LEU D 168 35.27 -18.10 -26.55
C LEU D 168 35.48 -16.86 -25.68
N THR D 169 35.99 -15.78 -26.27
CA THR D 169 36.29 -14.56 -25.53
C THR D 169 35.21 -13.49 -25.70
N LEU D 170 34.71 -13.29 -26.93
CA LEU D 170 33.55 -12.40 -27.11
C LEU D 170 32.32 -13.01 -26.46
N GLY D 171 32.23 -14.34 -26.43
CA GLY D 171 31.21 -14.99 -25.63
C GLY D 171 31.41 -14.83 -24.14
N THR D 172 32.61 -14.45 -23.71
CA THR D 172 32.84 -14.03 -22.33
C THR D 172 32.80 -12.50 -22.20
N PHE D 173 33.17 -11.80 -23.28
CA PHE D 173 33.00 -10.34 -23.34
C PHE D 173 31.52 -9.94 -23.34
N THR D 174 30.64 -10.84 -23.78
CA THR D 174 29.20 -10.58 -23.63
C THR D 174 28.69 -11.02 -22.27
N VAL D 175 29.38 -11.93 -21.60
CA VAL D 175 28.97 -12.32 -20.26
C VAL D 175 29.36 -11.23 -19.27
N LEU D 176 30.53 -10.62 -19.47
CA LEU D 176 30.88 -9.43 -18.71
C LEU D 176 29.96 -8.26 -19.06
N GLU D 177 29.42 -8.26 -20.27
CA GLU D 177 28.46 -7.25 -20.65
C GLU D 177 27.08 -7.54 -20.05
N ASN D 178 26.77 -8.80 -19.76
CA ASN D 178 25.46 -9.18 -19.27
C ASN D 178 25.42 -9.42 -17.77
N LEU D 179 26.56 -9.65 -17.12
CA LEU D 179 26.56 -9.90 -15.69
C LEU D 179 26.13 -8.69 -14.89
N LEU D 180 26.60 -7.50 -15.28
CA LEU D 180 26.24 -6.29 -14.54
C LEU D 180 24.92 -5.68 -14.98
N VAL D 181 24.16 -6.34 -15.84
CA VAL D 181 22.80 -5.92 -16.16
C VAL D 181 21.78 -6.84 -15.50
N LEU D 182 22.03 -8.15 -15.50
CA LEU D 182 21.17 -9.09 -14.79
C LEU D 182 21.23 -8.89 -13.29
N CYS D 183 22.39 -8.48 -12.78
CA CYS D 183 22.50 -8.23 -11.34
C CYS D 183 21.82 -6.91 -10.96
N VAL D 184 22.10 -5.85 -11.71
CA VAL D 184 21.55 -4.52 -11.41
C VAL D 184 20.04 -4.51 -11.57
N ILE D 185 19.51 -5.29 -12.52
CA ILE D 185 18.05 -5.39 -12.67
C ILE D 185 17.38 -6.13 -11.53
N LEU D 186 18.14 -6.81 -10.66
CA LEU D 186 17.57 -7.45 -9.49
C LEU D 186 18.11 -6.92 -8.17
N HIS D 187 19.29 -6.30 -8.17
CA HIS D 187 19.81 -5.66 -6.96
C HIS D 187 19.00 -4.43 -6.57
N SER D 188 18.74 -3.55 -7.54
CA SER D 188 18.15 -2.25 -7.25
C SER D 188 16.65 -2.42 -7.01
N ARG D 189 16.18 -1.89 -5.88
CA ARG D 189 14.79 -2.06 -5.47
C ARG D 189 13.84 -1.18 -6.26
N SER D 190 14.35 -0.15 -6.94
CA SER D 190 13.52 0.73 -7.75
C SER D 190 13.27 0.19 -9.14
N LEU D 191 14.04 -0.81 -9.58
CA LEU D 191 13.99 -1.27 -10.96
C LEU D 191 13.16 -2.53 -11.16
N ARG D 192 13.12 -3.43 -10.17
CA ARG D 192 12.43 -4.70 -10.36
C ARG D 192 10.92 -4.53 -10.43
N CYS D 193 10.37 -3.55 -9.72
CA CYS D 193 8.93 -3.41 -9.66
C CYS D 193 8.34 -2.74 -10.90
N ARG D 194 9.18 -2.23 -11.80
CA ARG D 194 8.62 -1.80 -13.08
C ARG D 194 8.49 -3.01 -14.00
N PRO D 195 7.31 -3.25 -14.55
CA PRO D 195 7.01 -4.58 -15.12
C PRO D 195 7.66 -4.85 -16.45
N SER D 196 8.12 -3.83 -17.17
CA SER D 196 8.81 -4.09 -18.43
C SER D 196 10.21 -4.62 -18.20
N TYR D 197 10.74 -4.46 -16.98
CA TYR D 197 12.08 -4.94 -16.69
C TYR D 197 12.15 -6.45 -16.51
N HIS D 198 11.00 -7.12 -16.40
CA HIS D 198 10.99 -8.57 -16.57
C HIS D 198 11.36 -8.94 -18.01
N PHE D 199 10.92 -8.14 -18.96
CA PHE D 199 11.22 -8.42 -20.36
C PHE D 199 12.67 -8.12 -20.68
N ILE D 200 13.22 -7.03 -20.13
CA ILE D 200 14.66 -6.83 -20.18
C ILE D 200 15.35 -7.86 -19.31
N GLY D 201 14.67 -8.36 -18.28
CA GLY D 201 15.20 -9.49 -17.54
C GLY D 201 15.13 -10.79 -18.31
N SER D 202 14.10 -10.97 -19.13
CA SER D 202 14.01 -12.18 -19.94
C SER D 202 15.05 -12.18 -21.04
N LEU D 203 15.32 -11.03 -21.63
CA LEU D 203 16.41 -10.90 -22.59
C LEU D 203 17.76 -11.03 -21.90
N ALA D 204 17.81 -10.75 -20.60
CA ALA D 204 19.07 -10.82 -19.88
C ALA D 204 19.54 -12.27 -19.73
N VAL D 205 18.66 -13.16 -19.30
CA VAL D 205 19.07 -14.53 -19.09
C VAL D 205 19.22 -15.25 -20.43
N ALA D 206 18.39 -14.90 -21.43
CA ALA D 206 18.40 -15.60 -22.70
C ALA D 206 19.65 -15.33 -23.50
N ASP D 207 20.35 -14.26 -23.20
CA ASP D 207 21.64 -13.99 -23.81
C ASP D 207 22.79 -14.38 -22.92
N LEU D 208 22.51 -15.04 -21.80
CA LEU D 208 23.52 -15.79 -21.07
C LEU D 208 23.20 -17.28 -21.03
N LEU D 209 21.92 -17.66 -21.03
CA LEU D 209 21.56 -19.05 -21.27
C LEU D 209 21.84 -19.43 -22.72
N GLY D 210 21.97 -18.47 -23.62
CA GLY D 210 22.18 -18.81 -25.00
C GLY D 210 23.50 -18.39 -25.61
N SER D 211 24.32 -17.66 -24.87
CA SER D 211 25.63 -17.33 -25.39
C SER D 211 26.63 -18.43 -25.08
N VAL D 212 26.68 -18.88 -23.83
CA VAL D 212 27.72 -19.83 -23.46
C VAL D 212 27.35 -21.26 -23.84
N ILE D 213 26.05 -21.58 -23.93
CA ILE D 213 25.66 -22.88 -24.47
C ILE D 213 25.93 -22.94 -25.96
N PHE D 214 25.95 -21.78 -26.62
CA PHE D 214 26.24 -21.75 -28.05
C PHE D 214 27.70 -22.02 -28.33
N VAL D 215 28.60 -21.39 -27.57
CA VAL D 215 29.98 -21.27 -28.03
C VAL D 215 30.73 -22.58 -27.86
N TYR D 216 30.46 -23.32 -26.78
CA TYR D 216 31.04 -24.65 -26.62
C TYR D 216 30.44 -25.61 -27.63
N SER D 217 29.19 -25.41 -27.99
CA SER D 217 28.61 -26.12 -29.11
C SER D 217 29.19 -25.63 -30.43
N PHE D 218 29.73 -24.42 -30.46
CA PHE D 218 30.32 -23.89 -31.67
C PHE D 218 31.81 -24.18 -31.78
N ILE D 219 32.57 -24.12 -30.68
CA ILE D 219 34.00 -24.33 -30.82
C ILE D 219 34.32 -25.81 -30.98
N ASP D 220 33.65 -26.68 -30.22
CA ASP D 220 33.99 -28.11 -30.23
C ASP D 220 33.49 -28.79 -31.49
N PHE D 221 32.46 -28.23 -32.13
CA PHE D 221 32.09 -28.69 -33.45
C PHE D 221 33.12 -28.24 -34.48
N HIS D 222 33.72 -27.07 -34.29
CA HIS D 222 34.58 -26.49 -35.32
C HIS D 222 36.05 -26.46 -34.90
N VAL D 223 36.48 -27.46 -34.14
CA VAL D 223 37.90 -27.76 -33.98
C VAL D 223 38.25 -29.11 -34.59
N PHE D 224 37.46 -30.15 -34.28
CA PHE D 224 37.69 -31.47 -34.86
C PHE D 224 36.41 -32.20 -35.20
N HIS D 225 35.24 -31.58 -35.05
CA HIS D 225 33.92 -32.21 -35.08
C HIS D 225 33.85 -33.40 -34.10
N ARG D 226 33.94 -33.05 -32.82
CA ARG D 226 33.98 -34.06 -31.77
C ARG D 226 32.62 -34.71 -31.57
N LYS D 227 31.57 -33.91 -31.40
CA LYS D 227 30.25 -34.44 -31.15
C LYS D 227 29.66 -35.05 -32.42
N ASP D 228 29.38 -36.35 -32.37
CA ASP D 228 28.98 -37.12 -33.54
C ASP D 228 27.70 -37.94 -33.35
N SER D 229 27.06 -37.90 -32.19
CA SER D 229 25.82 -38.63 -31.98
C SER D 229 24.64 -37.71 -32.27
N ARG D 230 23.44 -38.15 -31.87
CA ARG D 230 22.28 -37.28 -31.95
C ARG D 230 22.11 -36.48 -30.67
N ASN D 231 22.11 -37.16 -29.51
CA ASN D 231 21.75 -36.50 -28.26
C ASN D 231 22.84 -35.55 -27.79
N VAL D 232 24.10 -35.82 -28.13
CA VAL D 232 25.18 -34.87 -27.83
C VAL D 232 25.13 -33.66 -28.74
N PHE D 233 24.31 -33.69 -29.80
CA PHE D 233 24.20 -32.60 -30.74
C PHE D 233 22.80 -31.99 -30.75
N LEU D 234 21.75 -32.80 -30.96
CA LEU D 234 20.45 -32.28 -31.37
C LEU D 234 19.75 -31.55 -30.23
N PHE D 235 19.83 -32.06 -29.01
CA PHE D 235 19.28 -31.33 -27.88
C PHE D 235 20.10 -30.09 -27.57
N LYS D 236 21.39 -30.11 -27.91
CA LYS D 236 22.28 -29.01 -27.54
C LYS D 236 21.98 -27.76 -28.34
N LEU D 237 21.84 -27.88 -29.67
CA LEU D 237 21.35 -26.71 -30.40
C LEU D 237 19.89 -26.45 -30.12
N GLY D 238 19.12 -27.49 -29.79
CA GLY D 238 17.75 -27.29 -29.34
C GLY D 238 17.67 -26.47 -28.07
N GLY D 239 18.69 -26.54 -27.22
CA GLY D 239 18.82 -25.58 -26.16
C GLY D 239 19.24 -24.22 -26.66
N VAL D 240 20.09 -24.19 -27.70
CA VAL D 240 20.54 -22.92 -28.26
C VAL D 240 19.39 -22.22 -28.97
N THR D 241 18.66 -22.95 -29.83
CA THR D 241 17.53 -22.32 -30.48
C THR D 241 16.31 -22.20 -29.58
N ALA D 242 16.38 -22.63 -28.31
CA ALA D 242 15.35 -22.26 -27.36
C ALA D 242 15.60 -20.88 -26.80
N SER D 243 16.84 -20.61 -26.43
CA SER D 243 17.22 -19.30 -25.90
C SER D 243 17.12 -18.22 -26.96
N PHE D 244 17.69 -18.46 -28.14
CA PHE D 244 17.63 -17.47 -29.21
C PHE D 244 16.31 -17.45 -29.94
N THR D 245 15.35 -18.27 -29.52
CA THR D 245 13.95 -17.97 -29.76
C THR D 245 13.36 -17.17 -28.60
N ALA D 246 13.76 -17.50 -27.37
CA ALA D 246 13.30 -16.77 -26.20
C ALA D 246 13.88 -15.37 -26.14
N SER D 247 15.05 -15.14 -26.71
CA SER D 247 15.59 -13.79 -26.78
C SER D 247 14.77 -12.92 -27.72
N VAL D 248 14.56 -13.39 -28.95
CA VAL D 248 13.74 -12.64 -29.89
C VAL D 248 12.27 -12.75 -29.52
N GLY D 249 11.90 -13.75 -28.73
CA GLY D 249 10.64 -13.68 -28.02
C GLY D 249 10.59 -12.52 -27.05
N SER D 250 11.66 -12.33 -26.27
CA SER D 250 11.71 -11.23 -25.33
C SER D 250 11.88 -9.89 -26.03
N LEU D 251 12.53 -9.88 -27.19
CA LEU D 251 12.54 -8.67 -28.01
C LEU D 251 11.18 -8.37 -28.58
N PHE D 252 10.32 -9.38 -28.71
CA PHE D 252 8.95 -9.11 -29.11
C PHE D 252 8.13 -8.57 -27.95
N LEU D 253 8.41 -9.03 -26.73
CA LEU D 253 7.65 -8.56 -25.58
C LEU D 253 7.97 -7.10 -25.28
N THR D 254 9.25 -6.74 -25.33
CA THR D 254 9.65 -5.35 -25.16
C THR D 254 9.16 -4.48 -26.32
N ALA D 255 8.90 -5.06 -27.49
CA ALA D 255 8.37 -4.26 -28.58
C ALA D 255 6.89 -3.96 -28.41
N ILE D 256 6.10 -4.94 -27.96
CA ILE D 256 4.69 -4.65 -27.72
C ILE D 256 4.47 -3.90 -26.42
N ASP D 257 5.40 -4.02 -25.48
CA ASP D 257 5.37 -3.20 -24.27
C ASP D 257 5.52 -1.72 -24.62
N ARG D 258 6.49 -1.40 -25.44
CA ARG D 258 6.65 -0.03 -25.89
C ARG D 258 5.70 0.34 -27.01
N TYR D 259 4.97 -0.62 -27.59
CA TYR D 259 4.01 -0.24 -28.62
C TYR D 259 2.77 0.38 -27.99
N ILE D 260 2.18 -0.30 -27.01
CA ILE D 260 0.97 0.23 -26.38
C ILE D 260 1.24 1.40 -25.45
N SER D 261 2.49 1.62 -25.06
CA SER D 261 2.80 2.75 -24.21
C SER D 261 2.89 4.05 -24.97
N ILE D 262 2.82 4.01 -26.29
CA ILE D 262 2.63 5.23 -27.07
C ILE D 262 1.40 5.17 -27.96
N HIS D 263 0.85 3.99 -28.21
CA HIS D 263 -0.42 3.89 -28.92
C HIS D 263 -1.59 4.18 -27.99
N ARG D 264 -1.62 3.52 -26.83
CA ARG D 264 -2.63 3.73 -25.81
C ARG D 264 -1.93 4.25 -24.55
N PRO D 265 -1.53 5.52 -24.53
CA PRO D 265 -0.63 5.98 -23.48
C PRO D 265 -1.29 6.13 -22.14
N LEU D 266 -2.57 6.44 -22.09
CA LEU D 266 -3.24 6.63 -20.81
C LEU D 266 -3.64 5.31 -20.19
N ALA D 267 -3.49 4.20 -20.90
CA ALA D 267 -3.89 2.89 -20.42
C ALA D 267 -2.72 1.93 -20.28
N TYR D 268 -1.49 2.40 -20.53
CA TYR D 268 -0.33 1.52 -20.43
C TYR D 268 -0.03 1.17 -18.98
N LYS D 269 -0.26 2.10 -18.06
CA LYS D 269 0.05 1.86 -16.66
C LYS D 269 -0.86 0.81 -16.05
N ARG D 270 -2.07 0.67 -16.56
CA ARG D 270 -3.00 -0.35 -16.08
C ARG D 270 -2.74 -1.70 -16.75
N ILE D 271 -2.48 -1.71 -18.06
CA ILE D 271 -2.42 -2.97 -18.81
C ILE D 271 -1.19 -3.77 -18.44
N VAL D 272 0.00 -3.21 -18.65
CA VAL D 272 1.22 -3.94 -18.36
C VAL D 272 1.48 -3.85 -16.87
N THR D 273 1.00 -4.84 -16.13
CA THR D 273 1.15 -4.91 -14.69
C THR D 273 1.81 -6.24 -14.37
N ARG D 274 2.50 -6.32 -13.22
CA ARG D 274 3.18 -7.52 -12.76
C ARG D 274 2.32 -8.78 -12.65
N PRO D 275 0.98 -8.68 -12.50
CA PRO D 275 0.15 -9.81 -12.95
C PRO D 275 0.31 -10.14 -14.43
N LYS D 276 -0.02 -9.20 -15.32
CA LYS D 276 0.01 -9.49 -16.75
C LYS D 276 1.43 -9.50 -17.32
N ALA D 277 2.42 -9.03 -16.56
CA ALA D 277 3.80 -9.13 -17.00
C ALA D 277 4.24 -10.58 -17.06
N VAL D 278 4.14 -11.28 -15.93
CA VAL D 278 4.57 -12.68 -15.84
C VAL D 278 3.61 -13.62 -16.55
N VAL D 279 2.44 -13.12 -17.00
CA VAL D 279 1.56 -13.89 -17.88
C VAL D 279 2.28 -14.22 -19.19
N ALA D 280 2.78 -13.18 -19.89
CA ALA D 280 3.46 -13.39 -21.16
C ALA D 280 4.97 -13.56 -21.02
N PHE D 281 5.53 -13.23 -19.85
CA PHE D 281 6.94 -13.48 -19.59
C PHE D 281 7.25 -14.97 -19.54
N CYS D 282 6.28 -15.78 -19.10
CA CYS D 282 6.55 -17.21 -19.02
C CYS D 282 6.14 -17.95 -20.29
N LEU D 283 4.97 -17.63 -20.85
CA LEU D 283 4.44 -18.44 -21.95
C LEU D 283 5.27 -18.30 -23.23
N MET D 284 5.83 -17.12 -23.47
CA MET D 284 6.74 -16.96 -24.61
C MET D 284 8.04 -17.72 -24.40
N TRP D 285 8.46 -17.92 -23.16
CA TRP D 285 9.63 -18.74 -22.89
C TRP D 285 9.35 -20.22 -23.08
N THR D 286 8.18 -20.70 -22.68
CA THR D 286 7.89 -22.11 -22.78
C THR D 286 7.43 -22.52 -24.17
N ILE D 287 6.81 -21.61 -24.93
CA ILE D 287 6.55 -21.94 -26.34
C ILE D 287 7.79 -21.75 -27.19
N ALA D 288 8.85 -21.19 -26.63
CA ALA D 288 10.12 -21.16 -27.34
C ALA D 288 10.74 -22.55 -27.38
N ILE D 289 10.83 -23.21 -26.23
CA ILE D 289 11.53 -24.49 -26.15
C ILE D 289 10.72 -25.58 -26.84
N VAL D 290 9.39 -25.54 -26.72
CA VAL D 290 8.58 -26.53 -27.44
C VAL D 290 8.47 -26.22 -28.93
N ILE D 291 8.95 -25.05 -29.36
CA ILE D 291 9.23 -24.81 -30.76
C ILE D 291 10.69 -25.05 -31.10
N ALA D 292 11.46 -25.57 -30.15
CA ALA D 292 12.91 -25.74 -30.31
C ALA D 292 13.36 -27.17 -30.12
N VAL D 293 12.86 -27.86 -29.08
CA VAL D 293 13.17 -29.26 -28.86
C VAL D 293 12.04 -30.09 -29.46
N LEU D 294 11.19 -29.42 -30.23
CA LEU D 294 10.22 -30.09 -31.08
C LEU D 294 10.81 -31.16 -32.03
N PRO D 295 11.96 -30.99 -32.70
CA PRO D 295 12.47 -32.11 -33.50
C PRO D 295 12.93 -33.32 -32.69
N LEU D 296 13.25 -33.14 -31.40
CA LEU D 296 13.46 -34.28 -30.53
C LEU D 296 12.17 -35.04 -30.26
N LEU D 297 11.02 -34.37 -30.35
CA LEU D 297 9.72 -34.99 -30.15
C LEU D 297 8.85 -34.97 -31.40
N GLY D 298 9.33 -34.40 -32.50
CA GLY D 298 8.66 -34.48 -33.78
C GLY D 298 9.52 -35.17 -34.82
N TRP D 299 10.05 -34.43 -35.77
CA TRP D 299 10.72 -35.00 -36.94
C TRP D 299 12.24 -34.90 -36.80
N ASN D 300 12.89 -36.04 -36.87
CA ASN D 300 14.31 -36.17 -37.13
C ASN D 300 14.46 -36.85 -38.48
N CYS D 301 15.55 -36.57 -39.18
CA CYS D 301 15.77 -37.29 -40.43
C CYS D 301 16.27 -38.71 -40.12
N GLU D 302 16.83 -38.90 -38.92
CA GLU D 302 17.12 -40.20 -38.35
C GLU D 302 15.86 -40.96 -37.94
N LYS D 303 14.84 -40.27 -37.43
CA LYS D 303 13.65 -40.92 -36.90
C LYS D 303 12.63 -41.21 -37.99
N LEU D 304 12.51 -40.33 -38.99
CA LEU D 304 11.48 -40.50 -39.99
C LEU D 304 11.97 -39.93 -41.33
N GLN D 305 11.08 -40.01 -42.32
CA GLN D 305 11.43 -39.60 -43.67
C GLN D 305 11.09 -38.14 -43.88
N SER D 306 12.12 -37.34 -44.17
CA SER D 306 11.96 -35.96 -44.59
C SER D 306 13.23 -35.56 -45.35
N VAL D 307 13.20 -34.37 -45.92
CA VAL D 307 14.39 -33.86 -46.60
C VAL D 307 15.38 -33.37 -45.55
N CYS D 308 16.50 -34.10 -45.42
CA CYS D 308 17.53 -33.69 -44.47
C CYS D 308 18.22 -32.45 -45.00
N SER D 309 18.29 -31.41 -44.17
CA SER D 309 18.98 -30.19 -44.55
C SER D 309 20.47 -30.42 -44.56
N ASP D 310 21.18 -29.61 -45.33
CA ASP D 310 22.63 -29.64 -45.33
C ASP D 310 23.23 -28.59 -44.41
N ILE D 311 22.47 -27.58 -44.04
CA ILE D 311 22.92 -26.55 -43.11
C ILE D 311 22.97 -27.09 -41.69
N PHE D 312 21.94 -27.82 -41.30
CA PHE D 312 21.91 -28.56 -40.05
C PHE D 312 21.66 -30.05 -40.32
N PRO D 313 22.44 -30.94 -39.71
CA PRO D 313 22.42 -32.35 -40.13
C PRO D 313 21.16 -33.13 -39.79
N HIS D 314 20.64 -32.98 -38.57
CA HIS D 314 19.49 -33.76 -38.17
C HIS D 314 18.18 -32.99 -38.29
N ILE D 315 18.23 -31.69 -38.53
CA ILE D 315 17.04 -30.84 -38.61
C ILE D 315 16.66 -30.70 -40.08
N ASP D 316 15.37 -30.85 -40.38
CA ASP D 316 14.89 -30.96 -41.74
C ASP D 316 14.52 -29.60 -42.32
N LYS D 317 14.37 -29.58 -43.65
CA LYS D 317 13.87 -28.40 -44.33
C LYS D 317 12.41 -28.13 -44.04
N THR D 318 11.68 -29.15 -43.56
CA THR D 318 10.29 -28.96 -43.14
C THR D 318 10.19 -28.19 -41.83
N TYR D 319 11.28 -28.11 -41.08
CA TYR D 319 11.35 -27.31 -39.87
C TYR D 319 11.72 -25.86 -40.14
N LEU D 320 12.48 -25.62 -41.19
CA LEU D 320 12.98 -24.28 -41.46
C LEU D 320 12.08 -23.49 -42.39
N MET D 321 10.82 -23.87 -42.51
CA MET D 321 9.80 -22.89 -42.86
C MET D 321 8.98 -22.53 -41.64
N PHE D 322 8.98 -23.39 -40.63
CA PHE D 322 8.37 -23.12 -39.34
C PHE D 322 9.21 -22.16 -38.52
N TRP D 323 10.50 -22.46 -38.34
CA TRP D 323 11.32 -21.66 -37.43
C TRP D 323 11.65 -20.30 -38.01
N ILE D 324 11.84 -20.23 -39.33
CA ILE D 324 12.02 -18.92 -39.96
C ILE D 324 10.66 -18.24 -40.08
N GLY D 325 9.59 -19.00 -40.04
CA GLY D 325 8.28 -18.42 -39.83
C GLY D 325 8.20 -17.82 -38.45
N VAL D 326 8.31 -18.65 -37.41
CA VAL D 326 7.95 -18.23 -36.06
C VAL D 326 9.04 -17.40 -35.39
N VAL D 327 10.08 -17.03 -36.13
CA VAL D 327 10.91 -15.90 -35.77
C VAL D 327 10.51 -14.65 -36.56
N SER D 328 10.37 -14.77 -37.88
CA SER D 328 10.08 -13.59 -38.67
C SER D 328 8.61 -13.21 -38.68
N VAL D 329 7.71 -13.99 -38.06
CA VAL D 329 6.36 -13.46 -37.90
C VAL D 329 6.34 -12.39 -36.82
N LEU D 330 7.26 -12.46 -35.87
CA LEU D 330 7.35 -11.48 -34.81
C LEU D 330 8.53 -10.53 -34.98
N LEU D 331 9.55 -10.94 -35.71
CA LEU D 331 10.61 -10.00 -36.04
C LEU D 331 10.19 -9.00 -37.11
N LEU D 332 9.13 -9.30 -37.86
CA LEU D 332 8.54 -8.24 -38.68
C LEU D 332 7.59 -7.38 -37.88
N PHE D 333 7.13 -7.84 -36.71
CA PHE D 333 6.31 -6.99 -35.87
C PHE D 333 7.12 -5.93 -35.16
N ILE D 334 8.37 -6.28 -34.79
CA ILE D 334 9.24 -5.35 -34.07
C ILE D 334 9.57 -4.14 -34.91
N VAL D 335 9.80 -4.34 -36.20
CA VAL D 335 10.10 -3.19 -37.05
C VAL D 335 8.82 -2.45 -37.44
N TYR D 336 7.65 -3.02 -37.13
CA TYR D 336 6.44 -2.21 -37.20
C TYR D 336 6.17 -1.53 -35.86
N ALA D 337 6.44 -2.24 -34.76
CA ALA D 337 6.21 -1.69 -33.42
C ALA D 337 7.07 -0.47 -33.17
N TYR D 338 8.33 -0.55 -33.54
CA TYR D 338 9.20 0.62 -33.45
C TYR D 338 9.02 1.56 -34.64
N MET D 339 8.15 1.24 -35.58
CA MET D 339 7.80 2.24 -36.59
C MET D 339 6.64 3.10 -36.12
N TYR D 340 5.66 2.48 -35.46
CA TYR D 340 4.54 3.24 -34.92
C TYR D 340 4.99 4.16 -33.80
N ILE D 341 5.97 3.73 -33.00
CA ILE D 341 6.51 4.57 -31.95
C ILE D 341 7.16 5.81 -32.55
N LEU D 342 7.92 5.65 -33.62
CA LEU D 342 8.53 6.82 -34.24
C LEU D 342 7.57 7.56 -35.16
N TRP D 343 6.33 7.12 -35.28
CA TRP D 343 5.29 7.92 -35.92
C TRP D 343 4.29 8.50 -34.93
N LYS D 344 3.89 7.73 -33.91
CA LYS D 344 3.01 8.29 -32.89
C LYS D 344 3.74 9.29 -32.01
N ALA D 345 5.07 9.21 -31.92
CA ALA D 345 5.81 10.34 -31.39
C ALA D 345 6.00 11.42 -32.42
N HIS D 346 5.96 11.08 -33.72
CA HIS D 346 6.08 12.11 -34.74
C HIS D 346 4.80 12.94 -34.84
N SER D 347 3.65 12.30 -34.68
CA SER D 347 2.40 13.05 -34.63
C SER D 347 2.24 13.80 -33.32
N HIS D 348 2.97 13.39 -32.29
CA HIS D 348 2.97 14.12 -31.03
C HIS D 348 3.92 15.30 -31.08
N ALA D 349 5.13 15.09 -31.60
CA ALA D 349 6.15 16.13 -31.61
C ALA D 349 5.82 17.27 -32.56
N VAL D 350 4.98 17.03 -33.58
CA VAL D 350 4.54 18.15 -34.38
C VAL D 350 3.49 18.95 -33.64
N ARG D 351 2.74 18.31 -32.74
CA ARG D 351 1.60 18.99 -32.13
C ARG D 351 2.02 19.93 -31.01
N MET D 352 3.07 19.59 -30.26
CA MET D 352 3.51 20.48 -29.19
C MET D 352 4.27 21.70 -29.69
N ILE D 353 4.55 21.77 -30.98
CA ILE D 353 5.07 22.99 -31.60
C ILE D 353 3.98 23.71 -32.40
N GLN D 354 3.10 22.96 -33.08
CA GLN D 354 1.96 23.58 -33.74
C GLN D 354 0.96 24.16 -32.75
N ARG D 355 0.95 23.68 -31.50
CA ARG D 355 0.31 24.42 -30.43
C ARG D 355 1.21 25.55 -29.94
N GLY D 356 2.48 25.25 -29.72
CA GLY D 356 3.43 26.20 -29.19
C GLY D 356 3.66 25.99 -27.70
N THR D 357 4.72 26.64 -27.22
CA THR D 357 5.20 26.61 -25.82
C THR D 357 5.39 25.21 -25.25
N ALA D 379 10.44 16.89 -34.70
CA ALA D 379 10.87 18.24 -34.36
C ALA D 379 11.98 18.19 -33.32
N ARG D 380 11.60 18.16 -32.05
CA ARG D 380 12.54 18.05 -30.95
C ARG D 380 12.25 16.89 -30.01
N MET D 381 11.00 16.44 -29.90
CA MET D 381 10.70 15.28 -29.06
C MET D 381 11.15 13.97 -29.71
N ASP D 382 10.82 13.77 -30.99
CA ASP D 382 11.04 12.49 -31.63
C ASP D 382 12.51 12.24 -31.99
N ILE D 383 13.28 13.29 -32.27
CA ILE D 383 14.66 13.09 -32.70
C ILE D 383 15.55 12.73 -31.51
N GLU D 384 15.09 12.99 -30.29
CA GLU D 384 15.78 12.44 -29.13
C GLU D 384 15.50 10.94 -29.01
N LEU D 385 14.33 10.51 -29.46
CA LEU D 385 13.93 9.11 -29.43
C LEU D 385 14.46 8.35 -30.63
N ALA D 386 14.61 9.03 -31.77
CA ALA D 386 14.98 8.36 -33.01
C ALA D 386 16.43 7.90 -33.03
N LYS D 387 17.29 8.52 -32.23
CA LYS D 387 18.66 8.04 -32.10
C LYS D 387 18.69 6.68 -31.44
N THR D 388 18.04 6.55 -30.30
CA THR D 388 17.96 5.31 -29.56
C THR D 388 16.86 4.40 -30.04
N LEU D 389 16.33 4.59 -31.24
CA LEU D 389 15.38 3.64 -31.79
C LEU D 389 15.93 2.92 -33.01
N VAL D 390 16.47 3.64 -33.99
CA VAL D 390 16.97 2.97 -35.17
C VAL D 390 18.26 2.23 -34.84
N LEU D 391 18.98 2.66 -33.80
CA LEU D 391 20.16 1.94 -33.35
C LEU D 391 19.75 0.65 -32.62
N ILE D 392 18.50 0.57 -32.18
CA ILE D 392 17.91 -0.72 -31.84
C ILE D 392 17.43 -1.42 -33.09
N LEU D 393 16.78 -0.68 -33.97
CA LEU D 393 16.14 -1.26 -35.14
C LEU D 393 17.11 -1.76 -36.20
N VAL D 394 18.33 -1.23 -36.25
CA VAL D 394 19.32 -1.81 -37.17
C VAL D 394 20.04 -3.00 -36.56
N VAL D 395 20.11 -3.10 -35.23
CA VAL D 395 20.75 -4.25 -34.61
C VAL D 395 19.91 -5.50 -34.83
N LEU D 396 18.60 -5.34 -34.91
CA LEU D 396 17.78 -6.47 -35.32
C LEU D 396 17.87 -6.75 -36.82
N ILE D 397 18.57 -5.91 -37.58
CA ILE D 397 18.78 -6.14 -39.00
C ILE D 397 20.24 -6.45 -39.31
N ILE D 398 21.18 -5.80 -38.63
CA ILE D 398 22.59 -6.09 -38.86
C ILE D 398 23.00 -7.44 -38.29
N CYS D 399 22.19 -8.04 -37.44
CA CYS D 399 22.48 -9.36 -36.91
C CYS D 399 21.51 -10.42 -37.41
N TRP D 400 20.21 -10.20 -37.24
CA TRP D 400 19.22 -11.20 -37.63
C TRP D 400 18.90 -11.15 -39.11
N GLY D 401 19.34 -10.12 -39.82
CA GLY D 401 19.10 -10.01 -41.24
C GLY D 401 19.84 -11.04 -42.08
N PRO D 402 21.18 -10.93 -42.17
CA PRO D 402 21.93 -11.88 -42.99
C PRO D 402 21.96 -13.28 -42.43
N LEU D 403 21.63 -13.44 -41.16
CA LEU D 403 21.46 -14.77 -40.59
C LEU D 403 20.22 -15.44 -41.15
N LEU D 404 19.10 -14.71 -41.20
CA LEU D 404 17.89 -15.28 -41.78
C LEU D 404 17.92 -15.19 -43.30
N ALA D 405 18.83 -14.40 -43.87
CA ALA D 405 18.93 -14.33 -45.32
C ALA D 405 19.65 -15.55 -45.89
N ILE D 406 20.59 -16.12 -45.13
CA ILE D 406 21.26 -17.31 -45.61
C ILE D 406 20.37 -18.52 -45.50
N MET D 407 19.76 -18.73 -44.34
CA MET D 407 19.04 -19.97 -44.08
C MET D 407 17.70 -20.05 -44.78
N VAL D 408 17.32 -19.07 -45.61
CA VAL D 408 16.11 -19.25 -46.42
C VAL D 408 16.48 -19.97 -47.71
N TYR D 409 17.77 -20.12 -47.99
CA TYR D 409 18.25 -20.87 -49.16
C TYR D 409 18.01 -22.37 -49.04
N ASP D 410 17.61 -22.86 -47.88
CA ASP D 410 17.49 -24.30 -47.68
C ASP D 410 16.24 -24.86 -48.34
N VAL D 411 15.16 -24.09 -48.43
CA VAL D 411 14.08 -24.49 -49.31
C VAL D 411 14.48 -24.23 -50.77
N PHE D 412 15.42 -23.32 -50.99
CA PHE D 412 15.85 -22.93 -52.32
C PHE D 412 16.92 -23.90 -52.81
N GLY D 413 17.63 -23.52 -53.88
CA GLY D 413 18.66 -24.37 -54.43
C GLY D 413 20.03 -23.74 -54.53
N LYS D 414 20.44 -22.94 -53.56
CA LYS D 414 21.83 -22.45 -53.56
C LYS D 414 22.77 -23.43 -52.88
N MET D 415 22.64 -23.55 -51.54
CA MET D 415 23.39 -24.44 -50.61
C MET D 415 24.87 -24.66 -50.96
N ASN D 416 25.55 -23.62 -51.45
CA ASN D 416 26.92 -23.78 -51.92
C ASN D 416 27.91 -23.80 -50.76
N LYS D 417 29.14 -24.21 -51.07
CA LYS D 417 30.16 -24.36 -50.03
C LYS D 417 30.59 -23.00 -49.49
N LEU D 418 30.68 -21.99 -50.36
CA LEU D 418 31.00 -20.65 -49.89
C LEU D 418 29.87 -20.06 -49.04
N ILE D 419 28.63 -20.45 -49.34
CA ILE D 419 27.52 -20.11 -48.46
C ILE D 419 27.68 -20.82 -47.12
N LYS D 420 28.00 -22.11 -47.15
CA LYS D 420 28.30 -22.85 -45.93
C LYS D 420 29.57 -22.35 -45.26
N THR D 421 30.49 -21.77 -46.03
CA THR D 421 31.66 -21.14 -45.43
C THR D 421 31.27 -19.87 -44.68
N VAL D 422 30.50 -19.00 -45.31
CA VAL D 422 30.24 -17.69 -44.74
C VAL D 422 29.14 -17.74 -43.67
N PHE D 423 28.25 -18.74 -43.74
CA PHE D 423 27.20 -18.88 -42.74
C PHE D 423 27.78 -19.21 -41.38
N ALA D 424 28.92 -19.90 -41.34
CA ALA D 424 29.62 -20.10 -40.08
C ALA D 424 30.17 -18.80 -39.54
N PHE D 425 30.44 -17.83 -40.41
CA PHE D 425 30.87 -16.51 -39.98
C PHE D 425 29.71 -15.56 -39.75
N CYS D 426 28.47 -16.04 -39.81
CA CYS D 426 27.36 -15.23 -39.34
C CYS D 426 26.63 -15.90 -38.19
N SER D 427 27.13 -17.03 -37.72
CA SER D 427 26.54 -17.63 -36.52
C SER D 427 26.92 -16.87 -35.28
N MET D 428 28.14 -16.32 -35.24
CA MET D 428 28.56 -15.58 -34.06
C MET D 428 28.06 -14.15 -34.09
N LEU D 429 27.35 -13.75 -35.14
CA LEU D 429 26.59 -12.52 -35.08
C LEU D 429 25.45 -12.63 -34.09
N CYS D 430 24.93 -13.85 -33.91
CA CYS D 430 23.82 -14.06 -32.98
C CYS D 430 24.26 -13.94 -31.53
N LEU D 431 25.55 -13.98 -31.25
CA LEU D 431 26.01 -13.58 -29.92
C LEU D 431 26.51 -12.15 -29.93
N LEU D 432 26.91 -11.64 -31.10
CA LEU D 432 27.21 -10.22 -31.21
C LEU D 432 25.95 -9.38 -31.06
N ASN D 433 24.82 -9.92 -31.52
CA ASN D 433 23.52 -9.39 -31.15
C ASN D 433 23.37 -9.38 -29.63
N SER D 434 23.73 -10.48 -28.99
CA SER D 434 23.60 -10.60 -27.54
C SER D 434 24.58 -9.72 -26.78
N THR D 435 25.66 -9.27 -27.42
CA THR D 435 26.63 -8.40 -26.76
C THR D 435 26.16 -6.94 -26.79
N VAL D 436 25.56 -6.52 -27.89
CA VAL D 436 25.14 -5.14 -28.03
C VAL D 436 23.70 -4.93 -27.56
N ASN D 437 22.96 -6.01 -27.28
CA ASN D 437 21.60 -5.86 -26.78
C ASN D 437 21.49 -5.24 -25.38
N PRO D 438 22.35 -5.56 -24.39
CA PRO D 438 22.29 -4.77 -23.15
C PRO D 438 22.76 -3.33 -23.31
N ILE D 439 23.58 -3.01 -24.32
CA ILE D 439 23.93 -1.61 -24.53
C ILE D 439 22.74 -0.83 -25.07
N ILE D 440 21.98 -1.42 -25.99
CA ILE D 440 20.86 -0.70 -26.55
C ILE D 440 19.60 -0.82 -25.71
N TYR D 441 19.66 -1.52 -24.58
CA TYR D 441 18.46 -1.68 -23.76
C TYR D 441 18.68 -1.28 -22.31
N ALA D 442 19.86 -1.58 -21.76
CA ALA D 442 20.15 -1.17 -20.39
C ALA D 442 20.95 0.11 -20.30
N LEU D 443 21.87 0.37 -21.23
CA LEU D 443 22.63 1.62 -21.18
C LEU D 443 21.77 2.81 -21.58
N ARG D 444 20.82 2.63 -22.50
CA ARG D 444 19.87 3.69 -22.80
C ARG D 444 18.92 3.95 -21.65
N SER D 445 18.71 2.96 -20.78
CA SER D 445 17.85 3.13 -19.62
C SER D 445 18.54 4.03 -18.62
N LYS D 446 18.06 5.28 -18.51
CA LYS D 446 18.62 6.21 -17.54
C LYS D 446 18.35 5.77 -16.12
N ASP D 447 17.21 5.13 -15.87
CA ASP D 447 16.89 4.62 -14.55
C ASP D 447 17.74 3.42 -14.16
N LEU D 448 18.36 2.74 -15.13
CA LEU D 448 19.36 1.74 -14.83
C LEU D 448 20.76 2.34 -14.81
N ARG D 449 20.96 3.43 -15.55
CA ARG D 449 22.29 3.99 -15.72
C ARG D 449 22.80 4.62 -14.42
N HIS D 450 21.91 5.12 -13.57
CA HIS D 450 22.38 5.67 -12.30
C HIS D 450 22.73 4.55 -11.31
N ALA D 451 22.09 3.38 -11.43
CA ALA D 451 22.45 2.26 -10.58
C ALA D 451 23.81 1.69 -10.99
N PHE D 452 24.15 1.82 -12.26
CA PHE D 452 25.53 1.57 -12.69
C PHE D 452 26.46 2.66 -12.19
N ARG D 453 25.95 3.89 -12.04
CA ARG D 453 26.76 4.94 -11.44
C ARG D 453 26.87 4.76 -9.93
N SER D 454 25.82 4.25 -9.29
CA SER D 454 25.82 4.13 -7.83
C SER D 454 26.70 2.98 -7.37
N MET D 455 26.50 1.79 -7.92
CA MET D 455 27.22 0.59 -7.49
C MET D 455 28.67 0.61 -7.95
N VAL E 2 -33.33 -5.10 9.92
CA VAL E 2 -32.23 -6.05 9.99
C VAL E 2 -32.82 -7.41 9.65
N GLN E 3 -34.13 -7.42 9.45
CA GLN E 3 -34.91 -8.65 9.48
C GLN E 3 -34.71 -9.48 8.22
N LEU E 4 -35.01 -10.78 8.36
CA LEU E 4 -34.84 -11.79 7.33
C LEU E 4 -36.18 -12.51 7.16
N VAL E 5 -37.09 -11.90 6.43
CA VAL E 5 -38.38 -12.56 6.18
C VAL E 5 -38.16 -13.64 5.14
N GLU E 6 -39.02 -14.65 5.12
CA GLU E 6 -38.88 -15.78 4.20
C GLU E 6 -40.14 -15.96 3.39
N SER E 7 -39.96 -16.32 2.11
CA SER E 7 -41.05 -16.66 1.23
C SER E 7 -41.10 -18.16 1.05
N GLY E 8 -41.91 -18.62 0.11
CA GLY E 8 -42.01 -20.03 -0.16
C GLY E 8 -42.90 -20.73 0.84
N GLY E 9 -42.86 -22.05 0.80
CA GLY E 9 -43.65 -22.84 1.71
C GLY E 9 -44.94 -23.31 1.06
N GLY E 10 -45.51 -24.36 1.61
CA GLY E 10 -46.73 -24.93 1.08
C GLY E 10 -46.77 -26.42 1.30
N LEU E 11 -47.39 -27.14 0.36
CA LEU E 11 -47.51 -28.59 0.45
C LEU E 11 -47.38 -29.15 -0.96
N VAL E 12 -46.18 -29.53 -1.32
CA VAL E 12 -45.90 -30.16 -2.59
C VAL E 12 -45.90 -31.66 -2.40
N GLN E 13 -46.21 -32.37 -3.46
CA GLN E 13 -46.13 -33.82 -3.45
C GLN E 13 -44.66 -34.24 -3.50
N PRO E 14 -44.31 -35.36 -2.86
CA PRO E 14 -42.94 -35.88 -2.99
C PRO E 14 -42.59 -36.20 -4.43
N GLY E 15 -41.37 -35.84 -4.81
CA GLY E 15 -41.00 -35.75 -6.19
C GLY E 15 -41.21 -34.38 -6.79
N GLY E 16 -41.97 -33.53 -6.13
CA GLY E 16 -42.19 -32.17 -6.59
C GLY E 16 -41.04 -31.25 -6.21
N SER E 17 -41.26 -29.97 -6.46
CA SER E 17 -40.23 -28.96 -6.23
C SER E 17 -40.86 -27.71 -5.66
N ARG E 18 -40.02 -26.90 -5.02
CA ARG E 18 -40.41 -25.63 -4.45
C ARG E 18 -39.16 -24.78 -4.32
N LYS E 19 -39.34 -23.47 -4.34
CA LYS E 19 -38.21 -22.54 -4.25
C LYS E 19 -38.44 -21.59 -3.09
N LEU E 20 -37.82 -21.88 -1.95
CA LEU E 20 -37.78 -20.94 -0.84
C LEU E 20 -36.92 -19.74 -1.24
N SER E 21 -37.28 -18.57 -0.72
CA SER E 21 -36.45 -17.39 -0.89
C SER E 21 -36.63 -16.52 0.33
N CYS E 22 -35.55 -15.96 0.85
CA CYS E 22 -35.64 -15.04 1.97
C CYS E 22 -35.17 -13.68 1.50
N SER E 23 -35.96 -12.66 1.77
CA SER E 23 -35.60 -11.31 1.39
C SER E 23 -34.96 -10.63 2.58
N ALA E 24 -33.65 -10.46 2.52
CA ALA E 24 -32.88 -9.89 3.61
C ALA E 24 -32.79 -8.39 3.44
N SER E 25 -33.22 -7.66 4.46
CA SER E 25 -33.24 -6.21 4.40
C SER E 25 -32.80 -5.66 5.73
N GLY E 26 -32.02 -4.59 5.69
CA GLY E 26 -31.56 -3.93 6.88
C GLY E 26 -30.09 -4.11 7.20
N PHE E 27 -29.35 -4.82 6.36
CA PHE E 27 -27.92 -4.95 6.57
C PHE E 27 -27.23 -5.08 5.22
N ALA E 28 -25.91 -4.93 5.25
CA ALA E 28 -25.11 -5.10 4.05
C ALA E 28 -25.02 -6.57 3.68
N PHE E 29 -26.02 -7.06 2.96
CA PHE E 29 -26.25 -8.49 2.75
C PHE E 29 -25.14 -9.13 1.94
N SER E 30 -24.45 -8.37 1.10
CA SER E 30 -23.49 -8.94 0.17
C SER E 30 -22.21 -9.42 0.83
N SER E 31 -22.01 -9.13 2.12
CA SER E 31 -20.82 -9.55 2.83
C SER E 31 -21.14 -10.52 3.95
N PHE E 32 -22.31 -11.16 3.90
CA PHE E 32 -22.73 -12.09 4.93
C PHE E 32 -22.84 -13.48 4.34
N GLY E 33 -22.13 -14.43 4.93
CA GLY E 33 -22.36 -15.81 4.56
C GLY E 33 -23.71 -16.23 5.09
N MET E 34 -24.55 -16.74 4.22
CA MET E 34 -25.90 -17.10 4.60
C MET E 34 -26.07 -18.60 4.60
N HIS E 35 -26.95 -19.09 5.46
CA HIS E 35 -27.18 -20.50 5.68
C HIS E 35 -28.64 -20.82 5.45
N TRP E 36 -28.97 -22.09 5.55
CA TRP E 36 -30.35 -22.54 5.66
C TRP E 36 -30.34 -23.64 6.71
N VAL E 37 -31.19 -23.52 7.72
CA VAL E 37 -31.22 -24.46 8.83
C VAL E 37 -32.67 -24.89 9.01
N ARG E 38 -32.92 -26.19 8.97
CA ARG E 38 -34.28 -26.68 9.07
C ARG E 38 -34.51 -27.33 10.44
N GLN E 39 -35.78 -27.39 10.83
CA GLN E 39 -36.17 -27.91 12.14
C GLN E 39 -37.40 -28.77 11.95
N ALA E 40 -37.23 -30.09 12.08
CA ALA E 40 -38.32 -31.03 11.92
C ALA E 40 -39.37 -30.80 13.01
N PRO E 41 -40.67 -30.93 12.71
CA PRO E 41 -41.70 -30.21 13.47
C PRO E 41 -41.86 -30.63 14.92
N GLU E 42 -41.42 -31.84 15.30
CA GLU E 42 -41.40 -32.23 16.70
C GLU E 42 -39.97 -32.41 17.20
N LYS E 43 -38.97 -31.99 16.43
CA LYS E 43 -37.58 -32.27 16.74
C LYS E 43 -36.75 -30.99 16.77
N GLY E 44 -35.42 -31.14 16.87
CA GLY E 44 -34.52 -30.02 16.95
C GLY E 44 -33.99 -29.60 15.60
N LEU E 45 -33.02 -28.68 15.63
CA LEU E 45 -32.52 -28.05 14.44
C LEU E 45 -31.62 -29.00 13.65
N GLU E 46 -31.39 -28.63 12.39
CA GLU E 46 -30.62 -29.46 11.46
C GLU E 46 -30.16 -28.56 10.33
N TRP E 47 -28.92 -28.75 9.91
CA TRP E 47 -28.28 -27.85 8.96
C TRP E 47 -28.44 -28.36 7.54
N VAL E 48 -28.64 -27.44 6.59
CA VAL E 48 -29.07 -27.79 5.23
C VAL E 48 -28.02 -27.39 4.20
N ALA E 49 -27.69 -26.10 4.12
CA ALA E 49 -26.82 -25.59 3.07
C ALA E 49 -26.10 -24.35 3.56
N TYR E 50 -25.24 -23.80 2.71
CA TYR E 50 -24.46 -22.61 3.03
C TYR E 50 -24.02 -21.94 1.75
N ILE E 51 -24.01 -20.63 1.73
CA ILE E 51 -23.38 -19.88 0.65
C ILE E 51 -22.58 -18.77 1.30
N SER E 52 -21.46 -18.42 0.69
CA SER E 52 -20.53 -17.54 1.37
C SER E 52 -20.80 -16.11 0.96
N SER E 53 -19.87 -15.22 1.31
CA SER E 53 -19.89 -13.87 0.76
C SER E 53 -19.52 -13.94 -0.70
N GLY E 54 -20.32 -13.29 -1.54
CA GLY E 54 -20.05 -13.33 -2.96
C GLY E 54 -20.33 -14.67 -3.62
N SER E 55 -20.97 -15.59 -2.91
CA SER E 55 -21.33 -16.94 -3.33
C SER E 55 -20.13 -17.75 -3.79
N GLY E 56 -18.95 -17.46 -3.27
CA GLY E 56 -17.75 -18.10 -3.72
C GLY E 56 -17.45 -19.45 -3.14
N THR E 57 -18.29 -19.96 -2.24
CA THR E 57 -18.07 -21.27 -1.64
C THR E 57 -19.39 -21.79 -1.13
N ILE E 58 -19.82 -22.95 -1.61
CA ILE E 58 -21.11 -23.51 -1.29
C ILE E 58 -20.91 -24.90 -0.73
N TYR E 59 -21.40 -25.14 0.47
CA TYR E 59 -21.42 -26.47 1.05
C TYR E 59 -22.84 -26.99 1.04
N TYR E 60 -22.98 -28.27 1.37
CA TYR E 60 -24.29 -28.88 1.54
C TYR E 60 -24.18 -29.94 2.61
N ALA E 61 -25.32 -30.24 3.24
CA ALA E 61 -25.35 -31.39 4.12
C ALA E 61 -25.52 -32.64 3.27
N ASP E 62 -25.03 -33.76 3.80
CA ASP E 62 -25.01 -35.00 3.02
C ASP E 62 -26.41 -35.54 2.76
N THR E 63 -27.37 -35.21 3.62
CA THR E 63 -28.73 -35.65 3.40
C THR E 63 -29.36 -34.93 2.21
N VAL E 64 -29.03 -33.65 2.02
CA VAL E 64 -29.64 -32.85 0.97
C VAL E 64 -28.63 -32.45 -0.10
N LYS E 65 -27.50 -33.14 -0.16
CA LYS E 65 -26.50 -32.84 -1.18
C LYS E 65 -26.99 -33.28 -2.54
N GLY E 66 -26.87 -32.39 -3.53
CA GLY E 66 -27.19 -32.72 -4.90
C GLY E 66 -28.61 -32.43 -5.33
N ARG E 67 -29.57 -32.57 -4.43
CA ARG E 67 -30.96 -32.26 -4.75
C ARG E 67 -31.28 -30.78 -4.54
N PHE E 68 -30.68 -30.17 -3.52
CA PHE E 68 -30.97 -28.80 -3.14
C PHE E 68 -29.92 -27.90 -3.77
N THR E 69 -30.33 -26.71 -4.22
CA THR E 69 -29.40 -25.72 -4.75
C THR E 69 -29.64 -24.40 -4.07
N ILE E 70 -28.70 -23.97 -3.24
CA ILE E 70 -28.75 -22.67 -2.60
C ILE E 70 -28.06 -21.66 -3.50
N SER E 71 -28.69 -20.51 -3.69
CA SER E 71 -28.10 -19.46 -4.50
C SER E 71 -28.68 -18.14 -4.03
N ARG E 72 -28.07 -17.06 -4.49
CA ARG E 72 -28.56 -15.75 -4.10
C ARG E 72 -28.14 -14.73 -5.13
N ASP E 73 -28.85 -13.61 -5.12
CA ASP E 73 -28.59 -12.49 -6.02
C ASP E 73 -28.32 -11.30 -5.12
N ASP E 74 -27.03 -10.99 -4.94
CA ASP E 74 -26.64 -9.93 -4.01
C ASP E 74 -27.16 -8.54 -4.34
N PRO E 75 -27.32 -8.10 -5.61
CA PRO E 75 -28.07 -6.85 -5.83
C PRO E 75 -29.55 -6.98 -5.55
N LYS E 76 -30.11 -8.18 -5.50
CA LYS E 76 -31.53 -8.32 -5.22
C LYS E 76 -31.82 -8.47 -3.74
N ASN E 77 -30.78 -8.68 -2.92
CA ASN E 77 -30.88 -8.88 -1.47
C ASN E 77 -31.82 -10.02 -1.10
N THR E 78 -31.83 -11.06 -1.93
CA THR E 78 -32.61 -12.26 -1.68
C THR E 78 -31.69 -13.46 -1.75
N LEU E 79 -31.99 -14.45 -0.94
CA LEU E 79 -31.27 -15.72 -0.93
C LEU E 79 -32.27 -16.82 -1.17
N PHE E 80 -32.01 -17.69 -2.14
CA PHE E 80 -32.94 -18.72 -2.54
C PHE E 80 -32.54 -20.08 -1.97
N LEU E 81 -33.44 -21.04 -2.13
CA LEU E 81 -33.10 -22.46 -2.01
C LEU E 81 -34.10 -23.21 -2.88
N GLN E 82 -33.67 -23.61 -4.07
CA GLN E 82 -34.49 -24.43 -4.93
C GLN E 82 -34.33 -25.89 -4.50
N MET E 83 -35.41 -26.48 -4.04
CA MET E 83 -35.41 -27.87 -3.59
C MET E 83 -36.06 -28.73 -4.67
N THR E 84 -35.35 -29.75 -5.11
CA THR E 84 -35.81 -30.64 -6.16
C THR E 84 -35.89 -32.06 -5.62
N SER E 85 -36.94 -32.79 -6.03
CA SER E 85 -37.17 -34.20 -5.72
C SER E 85 -37.18 -34.44 -4.22
N LEU E 86 -37.96 -33.64 -3.52
CA LEU E 86 -37.97 -33.66 -2.06
C LEU E 86 -38.63 -34.91 -1.51
N ARG E 87 -38.15 -35.33 -0.35
CA ARG E 87 -38.60 -36.55 0.30
C ARG E 87 -39.74 -36.22 1.25
N SER E 88 -40.11 -37.18 2.09
CA SER E 88 -41.03 -36.93 3.17
C SER E 88 -40.30 -36.63 4.47
N GLU E 89 -38.98 -36.61 4.45
CA GLU E 89 -38.18 -36.16 5.57
C GLU E 89 -37.69 -34.73 5.41
N ASP E 90 -38.04 -34.07 4.30
CA ASP E 90 -37.75 -32.66 4.09
C ASP E 90 -38.92 -31.79 4.48
N THR E 91 -39.68 -32.18 5.48
CA THR E 91 -40.75 -31.36 6.02
C THR E 91 -40.28 -30.77 7.35
N ALA E 92 -40.14 -29.45 7.38
CA ALA E 92 -39.53 -28.73 8.48
C ALA E 92 -39.81 -27.26 8.27
N MET E 93 -39.54 -26.47 9.31
CA MET E 93 -39.50 -25.02 9.15
C MET E 93 -38.08 -24.64 8.78
N TYR E 94 -37.95 -23.93 7.66
CA TYR E 94 -36.64 -23.68 7.04
C TYR E 94 -36.18 -22.29 7.42
N TYR E 95 -35.38 -22.20 8.46
CA TYR E 95 -34.85 -20.92 8.88
C TYR E 95 -33.74 -20.50 7.95
N CYS E 96 -33.62 -19.19 7.74
CA CYS E 96 -32.44 -18.63 7.13
C CYS E 96 -31.61 -17.97 8.21
N VAL E 97 -30.31 -18.12 8.11
CA VAL E 97 -29.37 -17.57 9.08
C VAL E 97 -28.40 -16.69 8.32
N ARG E 98 -27.90 -15.64 8.96
CA ARG E 98 -26.77 -14.89 8.44
C ARG E 98 -25.57 -15.11 9.36
N SER E 99 -24.37 -15.06 8.80
CA SER E 99 -23.18 -15.29 9.60
C SER E 99 -22.00 -14.66 8.90
N ILE E 100 -21.41 -13.62 9.47
CA ILE E 100 -20.22 -13.01 8.90
C ILE E 100 -19.01 -13.58 9.61
N TYR E 101 -18.00 -13.92 8.83
CA TYR E 101 -16.78 -14.49 9.35
C TYR E 101 -15.66 -13.50 9.11
N TYR E 102 -15.15 -12.93 10.20
CA TYR E 102 -13.85 -12.30 10.21
C TYR E 102 -13.26 -12.57 11.58
N TYR E 103 -12.26 -11.81 11.99
CA TYR E 103 -11.68 -12.05 13.29
C TYR E 103 -12.54 -11.36 14.34
N GLY E 104 -13.08 -12.14 15.27
CA GLY E 104 -13.87 -11.58 16.34
C GLY E 104 -15.33 -11.36 16.01
N SER E 105 -15.81 -11.90 14.91
CA SER E 105 -17.20 -11.74 14.56
C SER E 105 -18.04 -12.79 15.25
N SER E 106 -19.35 -12.58 15.22
CA SER E 106 -20.30 -13.51 15.82
C SER E 106 -21.14 -14.13 14.72
N PRO E 107 -20.80 -15.32 14.24
CA PRO E 107 -21.64 -15.97 13.24
C PRO E 107 -22.94 -16.46 13.84
N PHE E 108 -23.92 -16.66 12.97
CA PHE E 108 -25.27 -17.11 13.29
C PHE E 108 -25.98 -16.14 14.23
N ASP E 109 -25.71 -14.85 14.08
CA ASP E 109 -26.25 -13.90 15.04
C ASP E 109 -27.70 -13.57 14.76
N PHE E 110 -28.13 -13.63 13.51
CA PHE E 110 -29.52 -13.38 13.20
C PHE E 110 -30.14 -14.55 12.46
N TRP E 111 -31.38 -14.88 12.82
CA TRP E 111 -32.11 -15.99 12.23
C TRP E 111 -33.43 -15.47 11.69
N GLY E 112 -33.83 -15.97 10.54
CA GLY E 112 -35.04 -15.50 9.92
C GLY E 112 -36.30 -16.02 10.60
N GLN E 113 -37.44 -15.58 10.07
CA GLN E 113 -38.73 -16.02 10.59
C GLN E 113 -38.92 -17.51 10.41
N GLY E 114 -38.73 -18.00 9.18
CA GLY E 114 -38.80 -19.41 8.92
C GLY E 114 -40.15 -19.87 8.40
N THR E 115 -40.20 -20.33 7.17
CA THR E 115 -41.42 -20.81 6.55
C THR E 115 -41.51 -22.32 6.64
N THR E 116 -42.66 -22.80 7.12
CA THR E 116 -42.92 -24.22 7.18
C THR E 116 -43.14 -24.74 5.78
N LEU E 117 -42.49 -25.84 5.44
CA LEU E 117 -42.68 -26.49 4.15
C LEU E 117 -43.09 -27.92 4.41
N THR E 118 -44.39 -28.13 4.52
CA THR E 118 -44.98 -29.45 4.69
C THR E 118 -44.93 -30.21 3.38
N VAL E 119 -44.81 -31.53 3.47
CA VAL E 119 -44.94 -32.40 2.31
C VAL E 119 -45.94 -33.49 2.63
N SER E 120 -46.60 -33.99 1.59
CA SER E 120 -47.66 -34.97 1.77
C SER E 120 -47.03 -36.35 1.97
N SER E 121 -47.52 -37.07 2.97
CA SER E 121 -46.98 -38.38 3.31
C SER E 121 -47.41 -39.42 2.29
N ASP E 137 -18.43 -36.82 10.64
CA ASP E 137 -19.35 -35.80 11.12
C ASP E 137 -19.30 -35.72 12.63
N ILE E 138 -19.12 -34.51 13.16
CA ILE E 138 -19.14 -34.32 14.60
C ILE E 138 -20.55 -34.52 15.10
N VAL E 139 -20.71 -35.29 16.16
CA VAL E 139 -22.04 -35.47 16.74
C VAL E 139 -22.06 -34.68 18.05
N MET E 140 -23.10 -33.89 18.24
CA MET E 140 -23.25 -33.10 19.45
C MET E 140 -24.29 -33.75 20.34
N THR E 141 -23.90 -34.12 21.55
CA THR E 141 -24.75 -34.90 22.45
C THR E 141 -25.04 -34.09 23.70
N GLN E 142 -26.20 -33.45 23.75
CA GLN E 142 -26.64 -32.81 24.99
C GLN E 142 -27.30 -33.84 25.91
N ALA E 143 -28.39 -34.45 25.44
CA ALA E 143 -29.13 -35.53 26.11
C ALA E 143 -29.60 -35.11 27.50
N THR E 144 -30.51 -34.14 27.54
CA THR E 144 -31.11 -33.68 28.78
C THR E 144 -32.58 -33.37 28.52
N SER E 145 -33.43 -33.76 29.45
CA SER E 145 -34.88 -33.69 29.25
C SER E 145 -35.37 -32.28 29.56
N SER E 146 -36.70 -32.11 29.54
CA SER E 146 -37.36 -30.84 29.78
C SER E 146 -37.25 -30.49 31.27
N VAL E 147 -36.13 -29.87 31.61
CA VAL E 147 -35.74 -29.59 32.99
C VAL E 147 -36.71 -28.61 33.64
N PRO E 148 -37.41 -29.00 34.71
CA PRO E 148 -38.24 -28.04 35.43
C PRO E 148 -37.38 -27.21 36.36
N VAL E 149 -37.59 -25.90 36.36
CA VAL E 149 -36.70 -25.00 37.08
C VAL E 149 -37.50 -23.80 37.59
N THR E 150 -37.16 -23.35 38.78
CA THR E 150 -37.64 -22.09 39.30
C THR E 150 -36.72 -20.96 38.84
N PRO E 151 -37.25 -19.75 38.67
CA PRO E 151 -36.38 -18.60 38.37
C PRO E 151 -35.43 -18.30 39.53
N GLY E 152 -34.38 -17.56 39.21
CA GLY E 152 -33.31 -17.28 40.14
C GLY E 152 -32.30 -18.40 40.30
N GLU E 153 -32.51 -19.55 39.66
CA GLU E 153 -31.67 -20.72 39.86
C GLU E 153 -30.54 -20.76 38.83
N SER E 154 -29.38 -21.24 39.27
CA SER E 154 -28.25 -21.45 38.38
C SER E 154 -28.43 -22.78 37.67
N VAL E 155 -28.54 -22.73 36.35
CA VAL E 155 -28.77 -23.92 35.53
C VAL E 155 -27.53 -24.16 34.69
N SER E 156 -27.04 -25.39 34.68
CA SER E 156 -25.92 -25.79 33.84
C SER E 156 -26.43 -26.68 32.72
N ILE E 157 -26.42 -26.14 31.50
CA ILE E 157 -26.87 -26.86 30.32
C ILE E 157 -25.62 -27.33 29.60
N SER E 158 -25.42 -28.64 29.52
CA SER E 158 -24.14 -29.19 29.10
C SER E 158 -24.25 -29.92 27.77
N CYS E 159 -23.43 -29.50 26.82
CA CYS E 159 -23.27 -30.14 25.53
C CYS E 159 -22.00 -30.98 25.57
N ARG E 160 -21.89 -31.95 24.67
CA ARG E 160 -20.71 -32.80 24.61
C ARG E 160 -20.51 -33.25 23.18
N SER E 161 -19.35 -32.95 22.63
CA SER E 161 -19.04 -33.28 21.25
C SER E 161 -18.51 -34.70 21.17
N SER E 162 -18.08 -35.10 19.97
CA SER E 162 -17.30 -36.31 19.78
C SER E 162 -15.90 -36.00 19.32
N LYS E 163 -15.51 -34.73 19.32
CA LYS E 163 -14.19 -34.32 18.90
C LYS E 163 -13.73 -33.19 19.80
N SER E 164 -12.42 -33.01 19.89
CA SER E 164 -11.86 -31.86 20.59
C SER E 164 -12.12 -30.63 19.73
N LEU E 165 -13.04 -29.77 20.18
CA LEU E 165 -13.41 -28.59 19.42
C LEU E 165 -12.34 -27.51 19.46
N LEU E 166 -11.35 -27.62 20.34
CA LEU E 166 -10.33 -26.59 20.47
C LEU E 166 -9.37 -26.70 19.29
N HIS E 167 -9.47 -25.77 18.35
CA HIS E 167 -8.63 -25.78 17.17
C HIS E 167 -7.21 -25.35 17.51
N SER E 168 -6.34 -25.41 16.50
CA SER E 168 -4.93 -25.09 16.68
C SER E 168 -4.72 -23.62 16.99
N ASN E 169 -5.62 -22.75 16.55
CA ASN E 169 -5.48 -21.33 16.83
C ASN E 169 -6.11 -20.92 18.15
N GLY E 170 -6.42 -21.88 19.03
CA GLY E 170 -6.87 -21.57 20.35
C GLY E 170 -8.35 -21.28 20.49
N ASN E 171 -9.07 -21.22 19.39
CA ASN E 171 -10.50 -21.00 19.43
C ASN E 171 -11.23 -22.32 19.61
N THR E 172 -12.23 -22.34 20.48
CA THR E 172 -13.12 -23.47 20.63
C THR E 172 -14.44 -23.10 19.97
N TYR E 173 -14.78 -23.79 18.88
CA TYR E 173 -15.88 -23.39 18.02
C TYR E 173 -17.17 -24.07 18.47
N LEU E 174 -17.76 -23.55 19.54
CA LEU E 174 -19.03 -24.02 20.03
C LEU E 174 -19.98 -22.85 20.15
N TYR E 175 -21.23 -23.04 19.75
CA TYR E 175 -22.20 -21.96 19.71
C TYR E 175 -23.38 -22.38 20.56
N TRP E 176 -24.05 -21.43 21.20
CA TRP E 176 -25.15 -21.75 22.08
C TRP E 176 -26.37 -20.95 21.66
N PHE E 177 -27.45 -21.65 21.31
CA PHE E 177 -28.65 -21.00 20.80
C PHE E 177 -29.82 -21.21 21.75
N LEU E 178 -30.64 -20.18 21.89
CA LEU E 178 -31.90 -20.23 22.63
C LEU E 178 -33.04 -20.11 21.64
N GLN E 179 -33.82 -21.16 21.48
CA GLN E 179 -35.08 -21.02 20.75
C GLN E 179 -36.19 -20.93 21.77
N ARG E 180 -36.69 -19.73 21.98
CA ARG E 180 -37.93 -19.61 22.70
C ARG E 180 -39.06 -20.08 21.80
N PRO E 181 -39.99 -20.90 22.29
CA PRO E 181 -40.94 -21.55 21.40
C PRO E 181 -41.94 -20.56 20.84
N GLY E 182 -42.32 -20.78 19.58
CA GLY E 182 -43.04 -19.79 18.82
C GLY E 182 -42.15 -18.80 18.09
N GLN E 183 -40.84 -18.87 18.31
CA GLN E 183 -39.89 -17.98 17.65
C GLN E 183 -38.80 -18.77 16.95
N SER E 184 -37.84 -18.09 16.46
CA SER E 184 -36.59 -18.50 15.86
C SER E 184 -35.48 -18.42 16.88
N PRO E 185 -34.50 -19.31 16.84
CA PRO E 185 -33.44 -19.28 17.84
C PRO E 185 -32.55 -18.09 17.66
N GLN E 186 -31.88 -17.72 18.73
CA GLN E 186 -31.00 -16.58 18.70
C GLN E 186 -29.70 -16.99 19.37
N LEU E 187 -28.65 -16.30 19.01
CA LEU E 187 -27.33 -16.67 19.46
C LEU E 187 -27.12 -16.18 20.88
N LEU E 188 -26.47 -17.01 21.70
CA LEU E 188 -26.10 -16.60 23.05
C LEU E 188 -24.60 -16.52 23.24
N ILE E 189 -23.87 -17.59 22.95
CA ILE E 189 -22.47 -17.74 23.31
C ILE E 189 -21.73 -18.05 22.02
N TYR E 190 -21.15 -17.05 21.36
CA TYR E 190 -20.79 -17.24 19.96
C TYR E 190 -19.45 -17.89 19.73
N ARG E 191 -18.69 -18.22 20.76
CA ARG E 191 -17.56 -19.14 20.70
C ARG E 191 -17.63 -19.82 22.04
N MET E 192 -16.50 -20.30 22.56
CA MET E 192 -16.52 -20.99 23.84
C MET E 192 -17.09 -20.12 24.96
N SER E 193 -16.53 -18.94 25.16
CA SER E 193 -16.86 -18.15 26.32
C SER E 193 -17.60 -16.86 26.01
N ASN E 194 -17.78 -16.52 24.74
CA ASN E 194 -18.17 -15.18 24.33
C ASN E 194 -19.65 -14.92 24.60
N LEU E 195 -20.15 -13.76 24.22
CA LEU E 195 -21.57 -13.47 24.37
C LEU E 195 -22.05 -12.62 23.21
N ALA E 196 -23.22 -12.95 22.67
CA ALA E 196 -23.76 -12.18 21.57
C ALA E 196 -24.21 -10.80 22.03
N SER E 197 -24.38 -9.91 21.07
CA SER E 197 -24.80 -8.54 21.37
C SER E 197 -26.29 -8.51 21.63
N GLY E 198 -26.68 -8.23 22.87
CA GLY E 198 -28.06 -8.24 23.28
C GLY E 198 -28.38 -9.30 24.31
N VAL E 199 -27.53 -10.31 24.43
CA VAL E 199 -27.71 -11.32 25.48
C VAL E 199 -27.36 -10.71 26.83
N PRO E 200 -28.22 -10.86 27.84
CA PRO E 200 -27.87 -10.38 29.18
C PRO E 200 -26.73 -11.19 29.77
N ASP E 201 -25.93 -10.52 30.61
CA ASP E 201 -24.64 -11.05 31.03
C ASP E 201 -24.75 -12.22 31.99
N ARG E 202 -25.95 -12.60 32.41
CA ARG E 202 -26.11 -13.75 33.29
C ARG E 202 -25.82 -15.06 32.59
N PHE E 203 -25.97 -15.11 31.27
CA PHE E 203 -25.57 -16.28 30.51
C PHE E 203 -24.05 -16.38 30.47
N SER E 204 -23.54 -17.60 30.56
CA SER E 204 -22.10 -17.82 30.52
C SER E 204 -21.82 -19.23 30.04
N GLY E 205 -20.80 -19.36 29.20
CA GLY E 205 -20.39 -20.67 28.73
C GLY E 205 -19.05 -21.03 29.34
N SER E 206 -18.74 -22.31 29.46
CA SER E 206 -17.53 -22.74 30.14
C SER E 206 -17.14 -24.12 29.64
N GLY E 207 -15.89 -24.47 29.83
CA GLY E 207 -15.38 -25.77 29.43
C GLY E 207 -14.49 -25.65 28.20
N SER E 208 -13.87 -26.78 27.86
CA SER E 208 -13.05 -26.84 26.67
C SER E 208 -12.93 -28.28 26.22
N GLY E 209 -12.53 -28.45 24.97
CA GLY E 209 -12.26 -29.78 24.47
C GLY E 209 -13.52 -30.44 23.97
N THR E 210 -14.15 -31.23 24.84
CA THR E 210 -15.36 -31.95 24.52
C THR E 210 -16.54 -31.63 25.42
N ALA E 211 -16.31 -31.34 26.68
CA ALA E 211 -17.40 -31.08 27.62
C ALA E 211 -17.55 -29.59 27.84
N PHE E 212 -18.70 -29.05 27.44
CA PHE E 212 -18.99 -27.63 27.56
C PHE E 212 -20.28 -27.42 28.32
N THR E 213 -20.36 -26.36 29.12
CA THR E 213 -21.54 -26.07 29.91
C THR E 213 -21.98 -24.64 29.65
N LEU E 214 -23.25 -24.44 29.41
CA LEU E 214 -23.84 -23.11 29.37
C LEU E 214 -24.50 -22.88 30.72
N THR E 215 -23.94 -21.98 31.50
CA THR E 215 -24.38 -21.76 32.87
C THR E 215 -25.11 -20.44 32.95
N ILE E 216 -26.42 -20.49 33.12
CA ILE E 216 -27.22 -19.29 33.33
C ILE E 216 -27.25 -19.08 34.83
N SER E 217 -26.52 -18.08 35.32
CA SER E 217 -26.37 -17.93 36.76
C SER E 217 -27.65 -17.40 37.40
N ARG E 218 -28.07 -16.20 37.06
CA ARG E 218 -29.41 -15.79 37.44
C ARG E 218 -30.37 -16.25 36.37
N LEU E 219 -31.60 -16.51 36.78
CA LEU E 219 -32.60 -17.00 35.85
C LEU E 219 -33.81 -16.06 35.85
N SER E 220 -34.65 -16.23 34.83
CA SER E 220 -35.96 -15.63 34.78
C SER E 220 -36.88 -16.62 34.09
N ALA E 221 -38.07 -16.16 33.71
CA ALA E 221 -38.97 -16.94 32.89
C ALA E 221 -39.00 -16.47 31.46
N GLU E 222 -38.32 -15.36 31.16
CA GLU E 222 -38.23 -14.88 29.78
C GLU E 222 -37.24 -15.69 28.97
N ASP E 223 -36.21 -16.26 29.60
CA ASP E 223 -35.26 -17.11 28.91
C ASP E 223 -35.63 -18.57 28.99
N VAL E 224 -36.90 -18.86 29.00
CA VAL E 224 -37.37 -20.23 28.89
C VAL E 224 -37.46 -20.58 27.40
N GLY E 225 -37.19 -21.82 27.09
CA GLY E 225 -37.06 -22.26 25.72
C GLY E 225 -36.07 -23.40 25.67
N VAL E 226 -35.80 -23.84 24.46
CA VAL E 226 -34.98 -25.03 24.25
C VAL E 226 -33.60 -24.60 23.75
N TYR E 227 -32.55 -25.22 24.27
CA TYR E 227 -31.19 -24.70 24.15
C TYR E 227 -30.33 -25.64 23.31
N TYR E 228 -29.98 -25.20 22.10
CA TYR E 228 -29.19 -26.01 21.19
C TYR E 228 -27.73 -25.59 21.24
N CYS E 229 -26.84 -26.56 21.16
CA CYS E 229 -25.42 -26.30 20.93
C CYS E 229 -25.10 -26.61 19.48
N MET E 230 -24.07 -25.96 18.96
CA MET E 230 -23.65 -26.19 17.59
C MET E 230 -22.14 -26.13 17.51
N GLN E 231 -21.56 -27.01 16.70
CA GLN E 231 -20.13 -26.93 16.47
C GLN E 231 -19.87 -26.16 15.19
N HIS E 232 -18.64 -25.71 15.02
CA HIS E 232 -18.29 -25.03 13.79
C HIS E 232 -16.87 -25.31 13.33
N LEU E 233 -16.29 -26.46 13.69
CA LEU E 233 -14.96 -26.79 13.20
C LEU E 233 -14.96 -27.08 11.71
N GLU E 234 -15.92 -27.88 11.24
CA GLU E 234 -15.97 -28.22 9.83
C GLU E 234 -17.40 -28.56 9.47
N TYR E 235 -17.74 -28.30 8.22
CA TYR E 235 -19.05 -28.15 7.60
C TYR E 235 -20.08 -29.28 7.52
N PRO E 236 -19.83 -30.50 7.99
CA PRO E 236 -20.95 -31.28 8.53
C PRO E 236 -21.91 -30.44 9.36
N LEU E 237 -21.38 -29.70 10.35
CA LEU E 237 -22.02 -28.57 11.03
C LEU E 237 -23.30 -28.99 11.73
N THR E 238 -23.13 -29.85 12.74
CA THR E 238 -24.27 -30.48 13.40
C THR E 238 -24.68 -29.75 14.65
N PHE E 239 -25.93 -29.92 15.03
CA PHE E 239 -26.51 -29.31 16.21
C PHE E 239 -26.74 -30.38 17.27
N GLY E 240 -26.75 -29.96 18.53
CA GLY E 240 -27.21 -30.83 19.58
C GLY E 240 -28.72 -30.82 19.66
N ALA E 241 -29.30 -31.92 20.16
CA ALA E 241 -30.71 -31.94 20.46
C ALA E 241 -30.95 -31.13 21.72
N GLY E 242 -31.87 -30.18 21.67
CA GLY E 242 -31.86 -29.10 22.63
C GLY E 242 -32.37 -29.47 24.00
N THR E 243 -31.61 -29.11 25.02
CA THR E 243 -32.05 -29.22 26.40
C THR E 243 -33.19 -28.26 26.64
N LYS E 244 -34.40 -28.79 26.77
CA LYS E 244 -35.57 -27.95 27.00
C LYS E 244 -35.60 -27.47 28.43
N LEU E 245 -35.90 -26.20 28.63
CA LEU E 245 -36.18 -25.68 29.96
C LEU E 245 -37.66 -25.34 30.08
N GLU E 246 -38.16 -25.42 31.30
CA GLU E 246 -39.57 -25.19 31.58
C GLU E 246 -39.73 -24.85 33.04
N LEU E 247 -40.87 -24.24 33.37
CA LEU E 247 -41.16 -23.86 34.75
C LEU E 247 -42.33 -24.67 35.30
#